data_6GJQ
#
_entry.id   6GJQ
#
_cell.length_a   64.490
_cell.length_b   118.150
_cell.length_c   180.210
_cell.angle_alpha   90.00
_cell.angle_beta   90.00
_cell.angle_gamma   90.00
#
_symmetry.space_group_name_H-M   'P 21 21 21'
#
loop_
_entity.id
_entity.type
_entity.pdbx_description
1 polymer 'Cystic fibrosis transmembrane conductance regulator'
2 polymer 'Nanobody T27'
3 non-polymer "ADENOSINE-5'-TRIPHOSPHATE"
4 water water
#
loop_
_entity_poly.entity_id
_entity_poly.type
_entity_poly.pdbx_seq_one_letter_code
_entity_poly.pdbx_strand_id
1 'polypeptide(L)'
;SLTTTEVVMENVTAFWEEGFGELFEKAKQNNNNRKTSNGDDSLFFSNFSLLGTPVLKDINFKIERGQLLAVAGSTGAGKT
SLLMMIMGELEPSEGKIKHSGRISFCPQFSWIMPGTIKENIIFGVSYDEYRYRSVIKACQLEEDISKFPEKDNTVLGEGG
ITLSGGQRARISLARAVYKDADLYLLDSPFGYLDVLTEKEIFESCVCKLMANKTRILVTSKMEHLKKADKILILHEGSSY
FYGTFSELQNLQPDFSSKLMG
;
A,C,E,G
2 'polypeptide(L)'
;QVQLQESGGGLEQPGGSLRLSCATSGVIFGINAMGWYRQAPGKQRELVATFTSGGSTNYADFVEGRFTISRDNAKNTVYL
QMNGLRPEDTAVYYCHATVVVSRYGLTYDYWGQGTQVTVSSAAAHHHHHHGAAEQKLISEEDLNGAA
;
B,D,F,H
#
# COMPACT_ATOMS: atom_id res chain seq x y z
N ASP A 58 15.31 1.16 -0.37
CA ASP A 58 15.24 2.48 -1.05
C ASP A 58 14.28 2.50 -2.26
N ILE A 59 13.38 3.51 -2.28
CA ILE A 59 12.33 3.73 -3.30
C ILE A 59 12.67 4.98 -4.12
N ASN A 60 12.59 4.89 -5.46
CA ASN A 60 12.85 6.05 -6.32
C ASN A 60 11.57 6.85 -6.53
N PHE A 61 11.52 8.02 -5.87
CA PHE A 61 10.45 9.02 -5.89
C PHE A 61 10.98 10.33 -5.35
N LYS A 62 10.24 11.41 -5.59
CA LYS A 62 10.56 12.77 -5.11
C LYS A 62 9.36 13.33 -4.37
N ILE A 63 9.61 14.32 -3.50
CA ILE A 63 8.57 15.07 -2.81
C ILE A 63 8.71 16.51 -3.34
N GLU A 64 7.82 16.90 -4.25
CA GLU A 64 7.85 18.24 -4.86
C GLU A 64 7.05 19.23 -4.02
N ARG A 65 7.66 20.40 -3.77
CA ARG A 65 7.08 21.49 -2.99
C ARG A 65 5.76 21.95 -3.59
N GLY A 66 4.75 22.03 -2.73
CA GLY A 66 3.40 22.48 -3.07
C GLY A 66 2.52 21.48 -3.78
N GLN A 67 3.07 20.28 -4.07
CA GLN A 67 2.35 19.23 -4.79
C GLN A 67 1.72 18.11 -3.93
N LEU A 68 0.72 17.43 -4.52
CA LEU A 68 0.03 16.28 -3.94
C LEU A 68 0.66 14.99 -4.49
N LEU A 69 1.25 14.21 -3.61
CA LEU A 69 1.78 12.91 -3.97
C LEU A 69 0.85 11.89 -3.34
N ALA A 70 0.23 11.05 -4.19
CA ALA A 70 -0.63 9.97 -3.76
C ALA A 70 0.21 8.71 -3.69
N VAL A 71 0.18 8.02 -2.52
CA VAL A 71 0.90 6.77 -2.28
C VAL A 71 -0.15 5.67 -2.28
N ALA A 72 -0.18 4.84 -3.34
CA ALA A 72 -1.15 3.75 -3.58
C ALA A 72 -0.57 2.36 -3.37
N GLY A 73 -1.44 1.39 -3.20
CA GLY A 73 -1.04 0.01 -3.02
C GLY A 73 -1.95 -0.79 -2.11
N SER A 74 -1.89 -2.13 -2.24
CA SER A 74 -2.65 -3.08 -1.45
C SER A 74 -2.20 -3.08 0.02
N THR A 75 -2.93 -3.79 0.89
CA THR A 75 -2.59 -3.95 2.32
C THR A 75 -1.27 -4.72 2.37
N GLY A 76 -0.33 -4.22 3.17
CA GLY A 76 1.00 -4.79 3.31
C GLY A 76 2.01 -4.34 2.26
N ALA A 77 1.60 -3.47 1.31
CA ALA A 77 2.46 -2.94 0.26
C ALA A 77 3.66 -2.11 0.80
N GLY A 78 3.55 -1.63 2.04
CA GLY A 78 4.60 -0.82 2.66
C GLY A 78 4.33 0.66 2.79
N LYS A 79 3.07 1.08 2.61
CA LYS A 79 2.59 2.47 2.64
C LYS A 79 2.86 3.24 3.94
N THR A 80 2.51 2.68 5.10
CA THR A 80 2.74 3.29 6.40
C THR A 80 4.26 3.34 6.69
N SER A 81 4.99 2.24 6.35
CA SER A 81 6.45 2.12 6.52
C SER A 81 7.17 3.20 5.75
N LEU A 82 6.76 3.47 4.49
CA LEU A 82 7.31 4.55 3.67
C LEU A 82 7.11 5.97 4.30
N LEU A 83 5.96 6.23 4.97
CA LEU A 83 5.70 7.47 5.67
C LEU A 83 6.66 7.62 6.85
N MET A 84 6.93 6.51 7.53
CA MET A 84 7.85 6.40 8.66
C MET A 84 9.29 6.65 8.19
N MET A 85 9.64 6.20 6.95
CA MET A 85 10.97 6.44 6.34
C MET A 85 11.13 7.90 6.00
N ILE A 86 10.04 8.57 5.56
CA ILE A 86 10.03 10.00 5.28
C ILE A 86 10.21 10.82 6.59
N MET A 87 9.42 10.49 7.64
CA MET A 87 9.51 11.18 8.94
C MET A 87 10.83 10.95 9.61
N GLY A 88 11.35 9.74 9.44
CA GLY A 88 12.65 9.29 9.95
C GLY A 88 13.85 9.82 9.18
N GLU A 89 13.57 10.64 8.13
CA GLU A 89 14.52 11.36 7.27
C GLU A 89 15.44 10.46 6.41
N LEU A 90 15.00 9.26 6.10
CA LEU A 90 15.79 8.35 5.28
C LEU A 90 15.32 8.36 3.86
N GLU A 91 14.11 8.82 3.66
CA GLU A 91 13.50 8.96 2.36
C GLU A 91 13.02 10.39 2.22
N PRO A 92 12.77 10.83 0.99
CA PRO A 92 13.25 10.24 -0.25
C PRO A 92 14.74 10.28 -0.65
N SER A 93 15.37 11.45 -0.52
CA SER A 93 16.73 11.67 -1.03
C SER A 93 16.89 11.11 -2.44
N ARG A 102 7.56 21.41 10.93
CA ARG A 102 8.13 20.68 9.78
C ARG A 102 7.16 19.57 9.25
N ILE A 103 6.83 18.57 10.07
CA ILE A 103 5.93 17.49 9.70
C ILE A 103 4.59 17.60 10.40
N SER A 104 3.48 17.46 9.65
CA SER A 104 2.12 17.40 10.19
C SER A 104 1.59 16.05 9.79
N PHE A 105 1.42 15.19 10.79
CA PHE A 105 1.02 13.80 10.58
C PHE A 105 -0.38 13.52 11.02
N CYS A 106 -1.11 12.79 10.16
CA CYS A 106 -2.44 12.28 10.41
C CYS A 106 -2.41 10.73 10.36
N PRO A 107 -2.42 10.02 11.52
CA PRO A 107 -2.32 8.55 11.50
C PRO A 107 -3.56 7.82 10.94
N GLN A 108 -3.39 6.60 10.31
CA GLN A 108 -4.52 5.87 9.71
C GLN A 108 -5.58 5.41 10.71
N PHE A 109 -5.18 5.27 11.96
CA PHE A 109 -6.08 4.97 13.07
C PHE A 109 -6.09 6.29 13.84
N SER A 110 -7.22 6.74 14.31
CA SER A 110 -7.25 8.06 14.92
C SER A 110 -6.33 8.21 16.16
N TRP A 111 -6.09 9.45 16.55
CA TRP A 111 -5.32 9.79 17.72
C TRP A 111 -6.08 10.89 18.42
N ILE A 112 -6.32 10.73 19.70
CA ILE A 112 -6.93 11.78 20.51
C ILE A 112 -6.16 11.87 21.80
N MET A 113 -6.02 13.08 22.32
CA MET A 113 -5.36 13.34 23.58
C MET A 113 -6.49 13.75 24.57
N PRO A 114 -6.34 13.47 25.88
CA PRO A 114 -7.35 13.94 26.85
C PRO A 114 -7.38 15.46 26.82
N GLY A 115 -8.54 16.00 26.51
CA GLY A 115 -8.73 17.43 26.39
C GLY A 115 -9.93 17.70 25.55
N THR A 116 -10.20 18.96 25.27
CA THR A 116 -11.34 19.38 24.46
C THR A 116 -11.13 19.07 22.97
N ILE A 117 -12.21 19.22 22.18
CA ILE A 117 -12.20 19.07 20.73
C ILE A 117 -11.23 20.12 20.17
N LYS A 118 -11.35 21.39 20.65
CA LYS A 118 -10.55 22.55 20.28
C LYS A 118 -9.06 22.33 20.57
N GLU A 119 -8.73 21.85 21.80
CA GLU A 119 -7.39 21.54 22.28
C GLU A 119 -6.73 20.49 21.41
N ASN A 120 -7.48 19.45 21.01
CA ASN A 120 -7.04 18.39 20.12
C ASN A 120 -6.77 18.89 18.71
N ILE A 121 -7.46 19.94 18.22
CA ILE A 121 -7.24 20.47 16.85
C ILE A 121 -6.14 21.52 16.83
N ILE A 122 -6.19 22.56 17.70
CA ILE A 122 -5.16 23.62 17.72
C ILE A 122 -3.81 23.06 18.23
N PHE A 123 -3.86 21.99 19.04
CA PHE A 123 -2.74 21.18 19.52
C PHE A 123 -1.48 21.98 19.93
N GLY A 124 -1.63 22.81 20.96
CA GLY A 124 -0.53 23.54 21.56
C GLY A 124 -0.17 24.84 20.88
N VAL A 125 -0.68 25.06 19.66
CA VAL A 125 -0.36 26.30 18.98
C VAL A 125 -1.45 27.33 19.29
N SER A 126 -1.14 28.60 19.04
CA SER A 126 -2.01 29.75 19.24
C SER A 126 -3.31 29.60 18.43
N TYR A 127 -4.43 29.96 19.05
CA TYR A 127 -5.76 29.94 18.44
C TYR A 127 -5.93 31.13 17.48
N ASP A 128 -6.41 30.85 16.27
CA ASP A 128 -6.74 31.77 15.19
C ASP A 128 -8.18 31.36 14.84
N GLU A 129 -9.16 32.25 15.11
CA GLU A 129 -10.58 32.00 14.89
C GLU A 129 -10.89 31.61 13.44
N TYR A 130 -10.37 32.41 12.46
CA TYR A 130 -10.59 32.21 11.03
C TYR A 130 -9.98 30.93 10.48
N ARG A 131 -8.73 30.60 10.86
CA ARG A 131 -8.02 29.39 10.44
C ARG A 131 -8.78 28.19 10.99
N TYR A 132 -9.17 28.23 12.27
CA TYR A 132 -9.95 27.18 12.95
C TYR A 132 -11.31 26.94 12.27
N ARG A 133 -12.04 28.03 11.99
CA ARG A 133 -13.35 28.05 11.34
C ARG A 133 -13.29 27.35 9.98
N SER A 134 -12.28 27.66 9.16
CA SER A 134 -12.03 27.09 7.82
C SER A 134 -11.75 25.60 7.86
N VAL A 135 -10.82 25.17 8.72
CA VAL A 135 -10.46 23.77 8.92
C VAL A 135 -11.69 22.89 9.33
N ILE A 136 -12.47 23.38 10.27
CA ILE A 136 -13.65 22.72 10.80
C ILE A 136 -14.73 22.53 9.75
N LYS A 137 -14.91 23.52 8.92
CA LYS A 137 -15.84 23.51 7.81
C LYS A 137 -15.35 22.48 6.78
N ALA A 138 -14.05 22.51 6.44
CA ALA A 138 -13.43 21.67 5.42
C ALA A 138 -13.34 20.19 5.77
N CYS A 139 -13.35 19.87 7.08
CA CYS A 139 -13.21 18.52 7.61
C CYS A 139 -14.54 17.95 8.04
N GLN A 140 -15.64 18.67 7.71
CA GLN A 140 -17.02 18.26 8.01
C GLN A 140 -17.25 18.07 9.51
N LEU A 141 -16.71 19.02 10.34
CA LEU A 141 -16.83 18.98 11.79
C LEU A 141 -17.85 19.97 12.38
N GLU A 142 -18.35 20.91 11.57
CA GLU A 142 -19.34 21.93 11.97
C GLU A 142 -20.60 21.36 12.63
N GLU A 143 -21.29 20.41 11.93
CA GLU A 143 -22.51 19.77 12.41
C GLU A 143 -22.29 18.99 13.70
N ASP A 144 -21.19 18.22 13.78
CA ASP A 144 -20.83 17.40 14.94
C ASP A 144 -20.65 18.22 16.19
N ILE A 145 -19.86 19.30 16.09
CA ILE A 145 -19.50 20.19 17.20
C ILE A 145 -20.73 20.91 17.74
N SER A 146 -21.60 21.48 16.86
CA SER A 146 -22.84 22.19 17.22
C SER A 146 -23.84 21.32 18.01
N LYS A 147 -23.87 20.00 17.75
CA LYS A 147 -24.75 19.04 18.43
C LYS A 147 -24.31 18.73 19.87
N PHE A 148 -23.15 19.24 20.30
CA PHE A 148 -22.69 19.04 21.67
C PHE A 148 -23.08 20.26 22.46
N PRO A 149 -23.58 20.09 23.68
CA PRO A 149 -23.95 21.27 24.46
C PRO A 149 -22.76 22.16 24.72
N GLU A 150 -21.62 21.58 25.01
CA GLU A 150 -20.41 22.36 25.28
C GLU A 150 -19.65 22.68 24.02
N LYS A 151 -20.07 22.07 22.92
CA LYS A 151 -19.51 22.26 21.60
C LYS A 151 -18.04 21.95 21.53
N ASP A 152 -17.26 22.97 21.20
CA ASP A 152 -15.82 22.94 21.07
C ASP A 152 -15.06 22.61 22.34
N ASN A 153 -15.66 22.93 23.48
CA ASN A 153 -15.09 22.70 24.78
C ASN A 153 -15.45 21.36 25.33
N THR A 154 -16.04 20.53 24.50
CA THR A 154 -16.40 19.19 24.92
C THR A 154 -15.11 18.45 25.21
N VAL A 155 -15.02 17.80 26.40
CA VAL A 155 -13.86 17.05 26.86
C VAL A 155 -13.90 15.58 26.40
N LEU A 156 -12.81 15.17 25.71
CA LEU A 156 -12.56 13.82 25.19
C LEU A 156 -11.47 13.14 26.03
N GLY A 157 -11.42 11.81 25.92
CA GLY A 157 -10.44 10.91 26.52
C GLY A 157 -10.29 10.82 28.03
N GLU A 158 -11.35 11.16 28.80
CA GLU A 158 -11.29 11.12 30.27
C GLU A 158 -12.41 10.26 30.89
N GLY A 159 -12.87 9.27 30.12
CA GLY A 159 -13.95 8.35 30.50
C GLY A 159 -15.33 8.86 30.18
N GLY A 160 -15.42 10.15 29.80
CA GLY A 160 -16.67 10.84 29.48
C GLY A 160 -17.22 10.55 28.10
N ILE A 161 -17.13 11.55 27.19
CA ILE A 161 -17.69 11.41 25.83
C ILE A 161 -16.77 10.56 24.93
N THR A 162 -17.42 9.60 24.25
CA THR A 162 -16.80 8.67 23.31
C THR A 162 -17.32 8.98 21.92
N LEU A 163 -16.43 9.50 21.06
CA LEU A 163 -16.77 9.83 19.68
C LEU A 163 -16.71 8.57 18.83
N SER A 164 -17.32 8.64 17.63
CA SER A 164 -17.30 7.57 16.63
C SER A 164 -15.93 7.58 15.95
N GLY A 165 -15.61 6.49 15.26
CA GLY A 165 -14.37 6.34 14.52
C GLY A 165 -14.19 7.39 13.44
N GLY A 166 -15.31 7.80 12.85
CA GLY A 166 -15.39 8.82 11.81
C GLY A 166 -15.18 10.23 12.34
N GLN A 167 -15.72 10.53 13.53
CA GLN A 167 -15.54 11.82 14.21
C GLN A 167 -14.07 11.99 14.61
N ARG A 168 -13.50 10.96 15.23
CA ARG A 168 -12.11 10.87 15.68
C ARG A 168 -11.14 11.04 14.48
N ALA A 169 -11.50 10.44 13.33
CA ALA A 169 -10.77 10.53 12.07
C ALA A 169 -10.78 11.95 11.51
N ARG A 170 -11.91 12.66 11.66
CA ARG A 170 -12.10 14.04 11.21
C ARG A 170 -11.36 15.02 12.08
N ILE A 171 -11.27 14.76 13.40
CA ILE A 171 -10.54 15.58 14.37
C ILE A 171 -9.05 15.47 14.07
N SER A 172 -8.59 14.20 13.82
CA SER A 172 -7.21 13.84 13.53
C SER A 172 -6.74 14.56 12.31
N LEU A 173 -7.59 14.62 11.28
CA LEU A 173 -7.32 15.32 10.03
C LEU A 173 -7.31 16.83 10.21
N ALA A 174 -8.25 17.40 11.00
CA ALA A 174 -8.36 18.81 11.32
C ALA A 174 -7.13 19.31 12.09
N ARG A 175 -6.58 18.45 12.99
CA ARG A 175 -5.36 18.72 13.74
C ARG A 175 -4.20 18.81 12.76
N ALA A 176 -4.11 17.84 11.82
CA ALA A 176 -3.06 17.80 10.80
C ALA A 176 -3.11 19.05 9.86
N VAL A 177 -4.32 19.49 9.45
CA VAL A 177 -4.38 20.62 8.51
C VAL A 177 -4.32 21.97 9.27
N TYR A 178 -4.72 22.01 10.55
CA TYR A 178 -4.60 23.24 11.33
C TYR A 178 -3.11 23.61 11.51
N LYS A 179 -2.24 22.61 11.71
CA LYS A 179 -0.81 22.77 11.87
C LYS A 179 -0.17 23.41 10.66
N ASP A 180 0.71 24.38 10.95
CA ASP A 180 1.50 25.08 9.97
C ASP A 180 2.80 24.26 9.85
N ALA A 181 2.87 23.40 8.82
CA ALA A 181 4.00 22.50 8.59
C ALA A 181 4.55 22.60 7.18
N ASP A 182 5.75 22.06 6.95
CA ASP A 182 6.39 22.03 5.64
C ASP A 182 5.87 20.86 4.80
N LEU A 183 5.54 19.74 5.46
CA LEU A 183 5.08 18.51 4.85
C LEU A 183 3.92 17.90 5.62
N TYR A 184 2.85 17.55 4.89
CA TYR A 184 1.63 16.96 5.44
C TYR A 184 1.54 15.52 5.01
N LEU A 185 1.58 14.60 6.00
CA LEU A 185 1.52 13.16 5.80
C LEU A 185 0.19 12.66 6.32
N LEU A 186 -0.69 12.33 5.38
CA LEU A 186 -2.05 11.89 5.71
C LEU A 186 -2.18 10.42 5.35
N ASP A 187 -2.02 9.54 6.36
CA ASP A 187 -2.06 8.09 6.14
C ASP A 187 -3.50 7.61 6.17
N SER A 188 -4.06 7.24 4.99
CA SER A 188 -5.46 6.78 4.83
C SER A 188 -6.43 7.55 5.79
N PRO A 189 -6.62 8.87 5.62
CA PRO A 189 -7.49 9.60 6.55
C PRO A 189 -9.00 9.32 6.41
N PHE A 190 -9.38 8.68 5.30
CA PHE A 190 -10.77 8.40 4.93
C PHE A 190 -11.19 6.91 5.07
N GLY A 191 -10.35 6.11 5.72
CA GLY A 191 -10.59 4.69 5.94
C GLY A 191 -11.76 4.35 6.85
N TYR A 192 -12.13 5.28 7.75
CA TYR A 192 -13.27 5.04 8.65
C TYR A 192 -14.46 5.95 8.34
N LEU A 193 -14.42 6.61 7.17
CA LEU A 193 -15.46 7.51 6.65
C LEU A 193 -16.31 6.85 5.54
N ASP A 194 -17.51 7.36 5.34
CA ASP A 194 -18.35 6.92 4.23
C ASP A 194 -17.83 7.64 2.95
N VAL A 195 -18.23 7.13 1.78
CA VAL A 195 -17.77 7.57 0.46
C VAL A 195 -18.19 9.02 0.13
N LEU A 196 -19.31 9.50 0.68
CA LEU A 196 -19.84 10.85 0.48
C LEU A 196 -19.09 11.90 1.29
N THR A 197 -18.82 11.60 2.58
CA THR A 197 -18.04 12.44 3.50
C THR A 197 -16.62 12.54 3.02
N GLU A 198 -16.05 11.41 2.59
CA GLU A 198 -14.71 11.34 2.04
C GLU A 198 -14.55 12.28 0.82
N LYS A 199 -15.55 12.31 -0.09
CA LYS A 199 -15.52 13.13 -1.30
C LYS A 199 -15.54 14.61 -0.96
N GLU A 200 -16.39 15.00 0.01
CA GLU A 200 -16.51 16.37 0.49
C GLU A 200 -15.18 16.85 1.11
N ILE A 201 -14.57 16.04 2.00
CA ILE A 201 -13.28 16.36 2.63
C ILE A 201 -12.15 16.34 1.63
N PHE A 202 -12.06 15.33 0.74
CA PHE A 202 -10.97 15.28 -0.26
C PHE A 202 -10.95 16.54 -1.17
N GLU A 203 -12.12 16.93 -1.67
CA GLU A 203 -12.28 18.10 -2.51
C GLU A 203 -12.09 19.44 -1.80
N SER A 204 -12.78 19.66 -0.68
CA SER A 204 -12.73 20.95 0.02
C SER A 204 -11.47 21.14 0.87
N CYS A 205 -10.92 20.08 1.47
CA CYS A 205 -9.74 20.17 2.32
C CYS A 205 -8.41 19.87 1.61
N VAL A 206 -8.18 18.61 1.16
CA VAL A 206 -6.93 18.11 0.53
C VAL A 206 -6.61 18.82 -0.79
N CYS A 207 -7.66 19.18 -1.55
CA CYS A 207 -7.53 19.80 -2.86
C CYS A 207 -7.63 21.31 -2.84
N LYS A 208 -8.64 21.87 -2.14
CA LYS A 208 -8.86 23.31 -2.12
C LYS A 208 -8.13 24.02 -0.99
N LEU A 209 -8.48 23.74 0.29
CA LEU A 209 -7.87 24.37 1.48
C LEU A 209 -6.36 24.19 1.57
N MET A 210 -5.83 23.05 1.10
CA MET A 210 -4.39 22.69 1.10
C MET A 210 -3.73 22.74 -0.28
N ALA A 211 -4.34 23.43 -1.26
CA ALA A 211 -3.92 23.59 -2.65
C ALA A 211 -2.41 23.83 -2.92
N ASN A 212 -1.71 24.62 -2.07
CA ASN A 212 -0.28 24.85 -2.35
C ASN A 212 0.65 24.37 -1.22
N LYS A 213 0.17 23.41 -0.42
CA LYS A 213 0.92 22.78 0.66
C LYS A 213 1.54 21.50 0.09
N THR A 214 2.66 21.04 0.67
CA THR A 214 3.32 19.79 0.25
C THR A 214 2.61 18.65 1.00
N ARG A 215 1.79 17.85 0.27
CA ARG A 215 0.96 16.78 0.79
C ARG A 215 1.34 15.43 0.25
N ILE A 216 1.35 14.44 1.14
CA ILE A 216 1.53 13.05 0.78
C ILE A 216 0.29 12.40 1.35
N LEU A 217 -0.63 11.96 0.46
CA LEU A 217 -1.87 11.30 0.81
C LEU A 217 -1.77 9.82 0.46
N VAL A 218 -1.94 8.94 1.45
CA VAL A 218 -1.96 7.49 1.24
C VAL A 218 -3.40 7.15 0.81
N THR A 219 -3.57 6.80 -0.47
CA THR A 219 -4.86 6.48 -1.10
C THR A 219 -4.64 5.61 -2.33
N SER A 220 -5.56 4.68 -2.60
CA SER A 220 -5.48 3.80 -3.79
C SER A 220 -6.67 4.04 -4.73
N LYS A 221 -7.52 5.02 -4.38
CA LYS A 221 -8.71 5.42 -5.12
C LYS A 221 -8.30 6.15 -6.38
N MET A 222 -8.73 5.64 -7.53
CA MET A 222 -8.46 6.23 -8.85
C MET A 222 -8.97 7.65 -9.00
N GLU A 223 -10.06 7.98 -8.30
CA GLU A 223 -10.73 9.27 -8.18
C GLU A 223 -9.83 10.33 -7.52
N HIS A 224 -8.92 9.88 -6.64
CA HIS A 224 -7.97 10.72 -5.93
C HIS A 224 -6.69 10.86 -6.70
N LEU A 225 -6.26 9.76 -7.32
CA LEU A 225 -5.05 9.63 -8.14
C LEU A 225 -5.08 10.55 -9.35
N LYS A 226 -6.29 10.78 -9.88
CA LYS A 226 -6.64 11.66 -11.00
C LYS A 226 -6.33 13.10 -10.68
N LYS A 227 -6.41 13.47 -9.37
CA LYS A 227 -6.21 14.81 -8.84
C LYS A 227 -4.84 15.05 -8.23
N ALA A 228 -4.03 13.98 -8.15
CA ALA A 228 -2.67 14.04 -7.62
C ALA A 228 -1.73 14.55 -8.68
N ASP A 229 -0.65 15.23 -8.27
CA ASP A 229 0.37 15.78 -9.15
C ASP A 229 1.34 14.67 -9.59
N LYS A 230 1.59 13.72 -8.66
CA LYS A 230 2.42 12.52 -8.81
C LYS A 230 1.79 11.38 -8.01
N ILE A 231 2.01 10.16 -8.47
CA ILE A 231 1.50 8.92 -7.87
C ILE A 231 2.67 7.98 -7.64
N LEU A 232 2.69 7.31 -6.49
CA LEU A 232 3.64 6.25 -6.20
C LEU A 232 2.86 5.00 -5.86
N ILE A 233 2.97 3.96 -6.71
CA ILE A 233 2.31 2.69 -6.44
C ILE A 233 3.35 1.76 -5.86
N LEU A 234 3.07 1.19 -4.71
CA LEU A 234 3.97 0.22 -4.09
C LEU A 234 3.39 -1.18 -4.19
N HIS A 235 4.30 -2.16 -4.21
CA HIS A 235 4.03 -3.58 -4.20
C HIS A 235 5.09 -4.28 -3.40
N GLU A 236 4.66 -4.94 -2.30
CA GLU A 236 5.48 -5.71 -1.37
C GLU A 236 6.80 -5.02 -0.96
N GLY A 237 6.68 -3.78 -0.51
CA GLY A 237 7.81 -2.97 -0.07
C GLY A 237 8.62 -2.28 -1.16
N SER A 238 8.26 -2.51 -2.44
CA SER A 238 8.97 -1.92 -3.56
C SER A 238 8.07 -1.07 -4.42
N SER A 239 8.63 -0.09 -5.10
CA SER A 239 7.91 0.77 -6.04
C SER A 239 7.58 0.00 -7.34
N TYR A 240 6.35 0.15 -7.82
CA TYR A 240 5.94 -0.43 -9.10
C TYR A 240 5.91 0.70 -10.14
N PHE A 241 5.32 1.82 -9.76
CA PHE A 241 5.13 2.98 -10.59
C PHE A 241 5.36 4.23 -9.80
N TYR A 242 5.95 5.22 -10.47
CA TYR A 242 6.13 6.59 -10.00
C TYR A 242 6.00 7.50 -11.21
N GLY A 243 5.02 8.38 -11.15
CA GLY A 243 4.74 9.33 -12.21
C GLY A 243 3.36 9.93 -12.15
N THR A 244 2.92 10.53 -13.26
CA THR A 244 1.63 11.22 -13.39
C THR A 244 0.49 10.25 -13.65
N PHE A 245 -0.77 10.75 -13.55
CA PHE A 245 -1.96 9.97 -13.85
C PHE A 245 -2.01 9.57 -15.34
N SER A 246 -1.54 10.47 -16.24
CA SER A 246 -1.44 10.24 -17.70
C SER A 246 -0.49 9.07 -17.99
N GLU A 247 0.67 9.03 -17.30
CA GLU A 247 1.67 7.97 -17.40
C GLU A 247 1.08 6.65 -16.89
N LEU A 248 0.29 6.69 -15.80
CA LEU A 248 -0.38 5.53 -15.20
C LEU A 248 -1.44 4.96 -16.16
N GLN A 249 -2.19 5.84 -16.83
CA GLN A 249 -3.24 5.50 -17.78
C GLN A 249 -2.69 4.73 -19.01
N ASN A 250 -1.44 5.04 -19.44
CA ASN A 250 -0.75 4.38 -20.57
C ASN A 250 -0.24 2.97 -20.16
N LEU A 251 -0.87 2.42 -19.09
CA LEU A 251 -0.74 1.09 -18.46
C LEU A 251 -2.18 0.77 -17.90
N GLN A 252 -3.10 0.23 -18.74
CA GLN A 252 -4.49 -0.04 -18.34
C GLN A 252 -5.12 -1.25 -19.07
N GLN B 1 -16.81 -5.05 -17.39
CA GLN B 1 -17.58 -3.91 -16.89
C GLN B 1 -18.16 -4.25 -15.51
N VAL B 2 -17.80 -3.48 -14.47
CA VAL B 2 -18.34 -3.73 -13.12
C VAL B 2 -19.75 -3.16 -13.04
N GLN B 3 -20.73 -3.99 -12.59
CA GLN B 3 -22.15 -3.63 -12.45
C GLN B 3 -22.73 -4.06 -11.10
N LEU B 4 -23.48 -3.14 -10.46
CA LEU B 4 -24.18 -3.38 -9.18
C LEU B 4 -25.68 -3.34 -9.44
N GLN B 5 -26.42 -4.29 -8.85
CA GLN B 5 -27.86 -4.40 -9.03
C GLN B 5 -28.57 -4.60 -7.68
N GLU B 6 -29.31 -3.57 -7.22
CA GLU B 6 -30.12 -3.64 -6.01
C GLU B 6 -31.46 -4.32 -6.29
N SER B 7 -31.97 -5.00 -5.27
CA SER B 7 -33.27 -5.66 -5.27
C SER B 7 -33.78 -5.65 -3.85
N GLY B 8 -35.07 -5.98 -3.68
CA GLY B 8 -35.72 -6.09 -2.38
C GLY B 8 -36.55 -4.92 -1.95
N GLY B 9 -36.51 -3.84 -2.73
CA GLY B 9 -37.28 -2.62 -2.44
C GLY B 9 -38.76 -2.79 -2.72
N GLY B 10 -39.57 -1.97 -2.07
CA GLY B 10 -41.01 -2.02 -2.27
C GLY B 10 -41.80 -1.17 -1.32
N LEU B 11 -43.11 -1.34 -1.37
CA LEU B 11 -44.04 -0.63 -0.51
C LEU B 11 -44.22 -1.42 0.78
N GLU B 12 -44.11 -0.71 1.90
CA GLU B 12 -44.22 -1.29 3.22
C GLU B 12 -45.00 -0.33 4.12
N GLN B 13 -45.57 -0.83 5.19
CA GLN B 13 -46.32 0.00 6.08
C GLN B 13 -45.47 0.34 7.28
N PRO B 14 -45.81 1.40 8.01
CA PRO B 14 -45.01 1.71 9.20
C PRO B 14 -44.91 0.53 10.17
N GLY B 15 -43.69 0.25 10.62
CA GLY B 15 -43.38 -0.88 11.50
C GLY B 15 -42.99 -2.13 10.75
N GLY B 16 -43.07 -2.07 9.41
CA GLY B 16 -42.74 -3.17 8.49
C GLY B 16 -41.26 -3.43 8.37
N SER B 17 -40.93 -4.53 7.70
CA SER B 17 -39.56 -4.94 7.51
C SER B 17 -39.26 -5.20 6.05
N LEU B 18 -38.02 -4.97 5.62
CA LEU B 18 -37.59 -5.20 4.26
C LEU B 18 -36.17 -5.67 4.23
N ARG B 19 -35.80 -6.41 3.20
CA ARG B 19 -34.42 -6.79 3.05
C ARG B 19 -33.93 -6.40 1.67
N LEU B 20 -32.96 -5.52 1.63
CA LEU B 20 -32.34 -5.07 0.37
C LEU B 20 -31.08 -5.86 0.13
N SER B 21 -30.91 -6.30 -1.11
CA SER B 21 -29.79 -7.09 -1.60
C SER B 21 -29.10 -6.34 -2.71
N CYS B 22 -27.82 -6.55 -2.87
CA CYS B 22 -27.09 -5.91 -3.94
C CYS B 22 -26.12 -6.88 -4.52
N ALA B 23 -26.38 -7.34 -5.74
CA ALA B 23 -25.52 -8.27 -6.46
C ALA B 23 -24.52 -7.52 -7.33
N THR B 24 -23.35 -8.11 -7.51
CA THR B 24 -22.31 -7.53 -8.36
C THR B 24 -21.95 -8.50 -9.48
N SER B 25 -21.48 -7.96 -10.61
CA SER B 25 -21.01 -8.72 -11.76
C SER B 25 -19.83 -7.99 -12.38
N GLY B 26 -18.92 -8.75 -12.99
CA GLY B 26 -17.73 -8.23 -13.64
C GLY B 26 -16.60 -7.86 -12.69
N VAL B 27 -16.58 -8.47 -11.48
CA VAL B 27 -15.54 -8.21 -10.47
C VAL B 27 -14.38 -9.18 -10.67
N ILE B 28 -13.26 -8.67 -11.20
CA ILE B 28 -12.05 -9.44 -11.50
C ILE B 28 -11.17 -9.67 -10.25
N PHE B 29 -11.10 -8.67 -9.33
CA PHE B 29 -10.18 -8.72 -8.21
C PHE B 29 -10.82 -8.90 -6.82
N GLY B 30 -11.46 -7.86 -6.33
CA GLY B 30 -12.11 -7.92 -5.06
C GLY B 30 -12.91 -6.67 -4.83
N ILE B 31 -13.69 -6.67 -3.77
CA ILE B 31 -14.44 -5.51 -3.40
C ILE B 31 -14.03 -5.19 -1.99
N ASN B 32 -13.77 -3.93 -1.71
CA ASN B 32 -13.41 -3.55 -0.36
C ASN B 32 -14.64 -3.01 0.28
N ALA B 33 -14.69 -1.70 0.51
CA ALA B 33 -15.88 -1.18 1.13
C ALA B 33 -17.12 -1.30 0.26
N MET B 34 -18.17 -1.78 0.90
CA MET B 34 -19.51 -1.93 0.35
C MET B 34 -20.49 -1.29 1.32
N GLY B 35 -21.56 -0.71 0.80
CA GLY B 35 -22.53 -0.04 1.67
C GLY B 35 -23.76 0.49 0.98
N TRP B 36 -24.65 1.06 1.80
CA TRP B 36 -26.00 1.53 1.52
C TRP B 36 -26.19 3.00 1.80
N TYR B 37 -26.70 3.70 0.80
CA TYR B 37 -26.96 5.13 0.79
C TYR B 37 -28.39 5.32 0.32
N ARG B 38 -28.95 6.49 0.55
CA ARG B 38 -30.32 6.79 0.13
C ARG B 38 -30.52 8.26 -0.20
N GLN B 39 -31.51 8.54 -1.04
CA GLN B 39 -31.94 9.91 -1.28
C GLN B 39 -33.45 9.98 -1.49
N ALA B 40 -34.10 10.78 -0.63
CA ALA B 40 -35.53 11.08 -0.70
C ALA B 40 -35.70 12.14 -1.82
N PRO B 41 -36.91 12.31 -2.44
CA PRO B 41 -37.02 13.34 -3.49
C PRO B 41 -36.75 14.75 -2.97
N GLY B 42 -35.95 15.49 -3.74
CA GLY B 42 -35.53 16.84 -3.41
C GLY B 42 -34.60 16.93 -2.22
N LYS B 43 -33.99 15.81 -1.85
CA LYS B 43 -33.04 15.74 -0.73
C LYS B 43 -31.68 15.22 -1.22
N GLN B 44 -30.63 15.54 -0.47
CA GLN B 44 -29.25 15.17 -0.81
C GLN B 44 -29.00 13.72 -0.38
N ARG B 45 -28.25 12.92 -1.19
CA ARG B 45 -27.89 11.54 -0.89
C ARG B 45 -27.15 11.46 0.45
N GLU B 46 -27.52 10.48 1.28
CA GLU B 46 -26.98 10.30 2.60
C GLU B 46 -26.67 8.83 2.90
N LEU B 47 -25.73 8.60 3.82
CA LEU B 47 -25.34 7.28 4.27
C LEU B 47 -26.51 6.67 5.06
N VAL B 48 -26.65 5.33 4.96
CA VAL B 48 -27.61 4.55 5.74
C VAL B 48 -26.74 3.67 6.65
N ALA B 49 -25.93 2.78 6.03
CA ALA B 49 -25.03 1.85 6.68
C ALA B 49 -23.97 1.46 5.69
N THR B 50 -22.73 1.35 6.14
CA THR B 50 -21.64 0.96 5.27
C THR B 50 -20.53 0.19 5.97
N PHE B 51 -19.76 -0.53 5.18
CA PHE B 51 -18.58 -1.21 5.65
C PHE B 51 -17.56 -0.15 5.32
N THR B 52 -16.74 0.19 6.30
CA THR B 52 -15.68 1.12 6.04
C THR B 52 -14.53 0.35 5.40
N SER B 53 -13.53 1.07 4.92
CA SER B 53 -12.32 0.47 4.35
C SER B 53 -11.55 -0.34 5.41
N GLY B 54 -11.59 0.10 6.67
CA GLY B 54 -10.99 -0.55 7.81
C GLY B 54 -11.58 -1.90 8.17
N GLY B 55 -12.82 -2.16 7.78
CA GLY B 55 -13.47 -3.44 8.07
C GLY B 55 -14.57 -3.37 9.10
N SER B 56 -14.62 -2.21 9.73
CA SER B 56 -15.68 -1.87 10.66
C SER B 56 -16.96 -1.48 9.96
N THR B 57 -18.00 -1.33 10.75
CA THR B 57 -19.31 -0.94 10.26
C THR B 57 -19.67 0.45 10.79
N ASN B 58 -20.22 1.30 9.92
CA ASN B 58 -20.65 2.64 10.26
C ASN B 58 -22.13 2.85 9.85
N TYR B 59 -23.01 3.09 10.83
CA TYR B 59 -24.45 3.38 10.63
C TYR B 59 -24.75 4.87 10.82
N ALA B 60 -25.71 5.38 10.04
CA ALA B 60 -26.23 6.74 10.16
C ALA B 60 -27.02 6.88 11.47
N ASP B 61 -27.08 8.10 12.01
CA ASP B 61 -27.72 8.47 13.29
C ASP B 61 -29.19 8.06 13.38
N PHE B 62 -29.91 8.15 12.25
CA PHE B 62 -31.34 7.83 12.11
C PHE B 62 -31.69 6.34 12.13
N VAL B 63 -30.68 5.46 11.97
CA VAL B 63 -30.87 4.01 11.93
C VAL B 63 -31.38 3.49 13.28
N GLU B 64 -30.79 3.99 14.37
CA GLU B 64 -31.12 3.69 15.77
C GLU B 64 -31.35 2.18 16.04
N GLY B 65 -30.40 1.36 15.60
CA GLY B 65 -30.43 -0.09 15.77
C GLY B 65 -31.39 -0.88 14.90
N ARG B 66 -32.22 -0.19 14.10
CA ARG B 66 -33.26 -0.83 13.29
C ARG B 66 -32.76 -1.63 12.11
N PHE B 67 -31.68 -1.16 11.47
CA PHE B 67 -31.13 -1.77 10.28
C PHE B 67 -29.82 -2.50 10.55
N THR B 68 -29.52 -3.51 9.73
CA THR B 68 -28.27 -4.32 9.81
C THR B 68 -27.67 -4.50 8.42
N ILE B 69 -26.36 -4.20 8.30
CA ILE B 69 -25.61 -4.40 7.07
C ILE B 69 -24.79 -5.73 7.20
N SER B 70 -24.95 -6.62 6.20
CA SER B 70 -24.29 -7.92 6.08
C SER B 70 -23.56 -7.94 4.74
N ARG B 71 -22.66 -8.88 4.58
CA ARG B 71 -21.83 -9.01 3.39
C ARG B 71 -21.52 -10.48 3.09
N ASP B 72 -21.51 -10.88 1.83
CA ASP B 72 -21.09 -12.23 1.44
C ASP B 72 -19.86 -12.06 0.55
N ASN B 73 -18.68 -12.31 1.11
CA ASN B 73 -17.39 -12.14 0.43
C ASN B 73 -17.19 -13.06 -0.78
N ALA B 74 -17.71 -14.30 -0.70
CA ALA B 74 -17.66 -15.29 -1.75
C ALA B 74 -18.50 -14.90 -2.97
N LYS B 75 -19.65 -14.26 -2.75
CA LYS B 75 -20.54 -13.85 -3.81
C LYS B 75 -20.41 -12.40 -4.20
N ASN B 76 -19.72 -11.64 -3.39
CA ASN B 76 -19.48 -10.19 -3.58
C ASN B 76 -20.79 -9.41 -3.55
N THR B 77 -21.59 -9.67 -2.48
CA THR B 77 -22.94 -9.12 -2.24
C THR B 77 -22.95 -8.33 -0.92
N VAL B 78 -23.87 -7.35 -0.83
CA VAL B 78 -24.12 -6.54 0.36
C VAL B 78 -25.64 -6.55 0.63
N TYR B 79 -26.00 -6.55 1.91
CA TYR B 79 -27.40 -6.61 2.32
C TYR B 79 -27.71 -5.60 3.35
N LEU B 80 -29.00 -5.25 3.44
CA LEU B 80 -29.55 -4.34 4.41
C LEU B 80 -30.85 -4.91 4.88
N GLN B 81 -30.83 -5.36 6.13
CA GLN B 81 -32.01 -5.85 6.80
C GLN B 81 -32.59 -4.63 7.49
N MET B 82 -33.81 -4.27 7.14
CA MET B 82 -34.53 -3.12 7.67
C MET B 82 -35.71 -3.59 8.51
N ASN B 83 -35.92 -2.98 9.66
CA ASN B 83 -37.03 -3.26 10.58
C ASN B 83 -37.50 -1.93 11.10
N GLY B 84 -38.70 -1.91 11.70
CA GLY B 84 -39.31 -0.73 12.30
C GLY B 84 -39.34 0.43 11.33
N LEU B 85 -39.74 0.16 10.07
CA LEU B 85 -39.78 1.14 9.00
C LEU B 85 -40.72 2.32 9.30
N ARG B 86 -40.21 3.54 9.11
CA ARG B 86 -40.94 4.78 9.41
C ARG B 86 -41.25 5.50 8.10
N PRO B 87 -42.29 6.37 8.03
CA PRO B 87 -42.55 7.12 6.76
C PRO B 87 -41.34 7.92 6.25
N GLU B 88 -40.48 8.40 7.17
CA GLU B 88 -39.22 9.14 6.92
C GLU B 88 -38.16 8.30 6.19
N ASP B 89 -38.30 6.96 6.21
CA ASP B 89 -37.38 6.03 5.55
C ASP B 89 -37.64 5.91 4.04
N THR B 90 -38.68 6.57 3.55
CA THR B 90 -39.03 6.58 2.12
C THR B 90 -37.91 7.31 1.38
N ALA B 91 -37.27 6.62 0.42
CA ALA B 91 -36.16 7.10 -0.39
C ALA B 91 -35.85 6.07 -1.46
N VAL B 92 -34.96 6.44 -2.40
CA VAL B 92 -34.36 5.53 -3.38
C VAL B 92 -33.06 5.12 -2.67
N TYR B 93 -32.91 3.82 -2.42
CA TYR B 93 -31.79 3.21 -1.73
C TYR B 93 -30.77 2.72 -2.72
N TYR B 94 -29.56 3.26 -2.62
CA TYR B 94 -28.46 2.94 -3.51
C TYR B 94 -27.40 2.11 -2.83
N CYS B 95 -26.88 1.22 -3.62
CA CYS B 95 -25.81 0.32 -3.29
C CYS B 95 -24.49 0.93 -3.78
N HIS B 96 -23.45 0.77 -2.98
CA HIS B 96 -22.14 1.27 -3.31
C HIS B 96 -21.06 0.21 -3.06
N ALA B 97 -20.02 0.19 -3.91
CA ALA B 97 -18.87 -0.70 -3.77
C ALA B 97 -17.60 -0.01 -4.25
N THR B 98 -16.51 -0.15 -3.46
CA THR B 98 -15.16 0.31 -3.79
C THR B 98 -14.54 -0.94 -4.37
N VAL B 99 -14.49 -1.04 -5.70
CA VAL B 99 -14.00 -2.25 -6.37
C VAL B 99 -12.51 -2.15 -6.70
N VAL B 100 -11.73 -3.21 -6.40
CA VAL B 100 -10.31 -3.34 -6.74
C VAL B 100 -10.32 -3.65 -8.24
N VAL B 101 -9.75 -2.75 -9.04
CA VAL B 101 -9.69 -2.88 -10.48
C VAL B 101 -8.29 -3.11 -11.05
N SER B 102 -7.31 -3.22 -10.18
CA SER B 102 -5.93 -3.49 -10.57
C SER B 102 -5.30 -4.61 -9.75
N ARG B 103 -4.19 -5.20 -10.26
CA ARG B 103 -3.47 -6.22 -9.49
C ARG B 103 -2.60 -5.58 -8.38
N TYR B 104 -2.52 -4.23 -8.39
CA TYR B 104 -1.77 -3.42 -7.43
C TYR B 104 -2.64 -2.76 -6.36
N GLY B 105 -3.93 -3.14 -6.33
CA GLY B 105 -4.89 -2.68 -5.32
C GLY B 105 -5.56 -1.34 -5.53
N LEU B 106 -5.50 -0.80 -6.76
CA LEU B 106 -6.14 0.45 -7.14
C LEU B 106 -7.62 0.20 -7.25
N THR B 107 -8.43 1.16 -6.79
CA THR B 107 -9.89 1.01 -6.77
C THR B 107 -10.66 2.08 -7.55
N TYR B 108 -11.94 1.78 -7.87
CA TYR B 108 -12.96 2.65 -8.47
C TYR B 108 -14.24 2.44 -7.69
N ASP B 109 -14.99 3.52 -7.40
CA ASP B 109 -16.26 3.49 -6.67
C ASP B 109 -17.41 3.32 -7.65
N TYR B 110 -18.27 2.33 -7.42
CA TYR B 110 -19.38 2.01 -8.27
C TYR B 110 -20.66 2.10 -7.49
N TRP B 111 -21.71 2.54 -8.17
CA TRP B 111 -23.04 2.71 -7.64
C TRP B 111 -24.05 1.91 -8.44
N GLY B 112 -25.11 1.48 -7.77
CA GLY B 112 -26.20 0.80 -8.43
C GLY B 112 -27.18 1.83 -8.96
N GLN B 113 -28.24 1.37 -9.66
CA GLN B 113 -29.29 2.24 -10.20
C GLN B 113 -30.24 2.77 -9.10
N GLY B 114 -30.36 2.01 -8.01
CA GLY B 114 -31.23 2.33 -6.88
C GLY B 114 -32.48 1.49 -6.86
N THR B 115 -33.06 1.31 -5.69
CA THR B 115 -34.32 0.61 -5.52
C THR B 115 -35.27 1.51 -4.71
N GLN B 116 -36.53 1.62 -5.10
CA GLN B 116 -37.47 2.45 -4.33
C GLN B 116 -38.00 1.71 -3.08
N VAL B 117 -37.89 2.37 -1.93
CA VAL B 117 -38.45 1.93 -0.66
C VAL B 117 -39.49 2.98 -0.26
N THR B 118 -40.76 2.58 -0.20
CA THR B 118 -41.86 3.47 0.17
C THR B 118 -42.50 2.97 1.47
N VAL B 119 -42.49 3.81 2.51
CA VAL B 119 -43.13 3.47 3.79
C VAL B 119 -44.36 4.37 3.95
N SER B 120 -45.58 3.78 3.83
CA SER B 120 -46.81 4.55 3.94
C SER B 120 -47.97 3.82 4.59
N SER B 121 -48.73 4.53 5.45
CA SER B 121 -49.91 4.03 6.17
C SER B 121 -51.17 4.15 5.31
N ASP C 58 -45.96 46.58 2.11
CA ASP C 58 -44.75 45.82 1.84
C ASP C 58 -45.00 44.53 1.02
N ILE C 59 -43.97 43.66 0.98
CA ILE C 59 -43.94 42.33 0.36
C ILE C 59 -44.00 41.32 1.54
N ASN C 60 -44.90 40.33 1.46
CA ASN C 60 -45.01 39.30 2.51
C ASN C 60 -44.02 38.17 2.25
N PHE C 61 -42.95 38.14 3.07
CA PHE C 61 -41.87 37.17 3.06
C PHE C 61 -41.10 37.29 4.37
N LYS C 62 -40.28 36.27 4.67
CA LYS C 62 -39.40 36.21 5.85
C LYS C 62 -37.96 35.92 5.39
N ILE C 63 -36.98 36.26 6.24
CA ILE C 63 -35.58 35.93 6.04
C ILE C 63 -35.23 35.00 7.19
N GLU C 64 -35.16 33.69 6.91
CA GLU C 64 -34.89 32.69 7.94
C GLU C 64 -33.38 32.48 8.15
N ARG C 65 -32.94 32.47 9.42
CA ARG C 65 -31.54 32.31 9.78
C ARG C 65 -30.97 31.01 9.24
N GLY C 66 -29.82 31.13 8.57
CA GLY C 66 -29.09 30.01 7.98
C GLY C 66 -29.62 29.47 6.68
N GLN C 67 -30.73 30.04 6.18
CA GLN C 67 -31.38 29.58 4.94
C GLN C 67 -31.08 30.41 3.68
N LEU C 68 -31.28 29.76 2.52
CA LEU C 68 -31.13 30.34 1.19
C LEU C 68 -32.52 30.79 0.68
N LEU C 69 -32.67 32.09 0.48
CA LEU C 69 -33.86 32.64 -0.10
C LEU C 69 -33.49 33.08 -1.49
N ALA C 70 -34.17 32.50 -2.51
CA ALA C 70 -33.99 32.85 -3.90
C ALA C 70 -35.07 33.85 -4.25
N VAL C 71 -34.67 34.99 -4.84
CA VAL C 71 -35.57 36.07 -5.24
C VAL C 71 -35.58 36.03 -6.76
N ALA C 72 -36.71 35.58 -7.35
CA ALA C 72 -36.91 35.39 -8.79
C ALA C 72 -37.83 36.44 -9.42
N GLY C 73 -37.79 36.55 -10.75
CA GLY C 73 -38.62 37.49 -11.49
C GLY C 73 -37.99 38.03 -12.75
N SER C 74 -38.80 38.61 -13.64
CA SER C 74 -38.34 39.22 -14.88
C SER C 74 -37.56 40.52 -14.62
N THR C 75 -36.95 41.10 -15.67
CA THR C 75 -36.23 42.37 -15.58
C THR C 75 -37.27 43.45 -15.21
N GLY C 76 -36.94 44.28 -14.22
CA GLY C 76 -37.81 45.33 -13.72
C GLY C 76 -38.86 44.88 -12.69
N ALA C 77 -38.85 43.57 -12.31
CA ALA C 77 -39.75 42.98 -11.30
C ALA C 77 -39.61 43.60 -9.91
N GLY C 78 -38.51 44.28 -9.63
CA GLY C 78 -38.27 44.94 -8.37
C GLY C 78 -37.27 44.26 -7.44
N LYS C 79 -36.50 43.31 -7.99
CA LYS C 79 -35.48 42.50 -7.29
C LYS C 79 -34.36 43.32 -6.59
N THR C 80 -33.70 44.23 -7.31
CA THR C 80 -32.62 45.07 -6.78
C THR C 80 -33.20 46.05 -5.75
N SER C 81 -34.38 46.62 -6.06
CA SER C 81 -35.14 47.53 -5.23
C SER C 81 -35.41 46.93 -3.88
N LEU C 82 -35.91 45.66 -3.85
CA LEU C 82 -36.18 44.87 -2.65
C LEU C 82 -34.92 44.71 -1.79
N LEU C 83 -33.74 44.36 -2.42
CA LEU C 83 -32.45 44.22 -1.71
C LEU C 83 -32.11 45.52 -0.99
N MET C 84 -32.39 46.66 -1.65
CA MET C 84 -32.22 48.00 -1.11
C MET C 84 -33.19 48.22 0.07
N MET C 85 -34.42 47.66 -0.01
CA MET C 85 -35.41 47.74 1.09
C MET C 85 -34.93 46.94 2.29
N ILE C 86 -34.29 45.79 2.05
CA ILE C 86 -33.72 44.97 3.12
C ILE C 86 -32.54 45.68 3.79
N MET C 87 -31.58 46.22 2.99
CA MET C 87 -30.41 46.93 3.51
C MET C 87 -30.80 48.21 4.22
N GLY C 88 -31.83 48.87 3.69
CA GLY C 88 -32.42 50.10 4.21
C GLY C 88 -33.32 49.89 5.41
N GLU C 89 -33.41 48.63 5.90
CA GLU C 89 -34.12 48.15 7.09
C GLU C 89 -35.66 48.34 7.06
N LEU C 90 -36.27 48.37 5.87
CA LEU C 90 -37.73 48.52 5.73
C LEU C 90 -38.39 47.18 5.50
N GLU C 91 -37.59 46.21 5.12
CA GLU C 91 -38.03 44.90 4.73
C GLU C 91 -37.12 43.83 5.38
N PRO C 92 -37.65 42.66 5.82
CA PRO C 92 -39.03 42.17 5.67
C PRO C 92 -40.04 42.77 6.65
N SER C 93 -39.61 43.17 7.87
CA SER C 93 -40.45 43.76 8.94
C SER C 93 -41.49 42.77 9.49
N ARG C 102 -22.64 43.10 9.54
CA ARG C 102 -24.09 42.84 9.44
C ARG C 102 -24.51 42.43 8.02
N ILE C 103 -24.28 43.29 7.03
CA ILE C 103 -24.64 43.03 5.62
C ILE C 103 -23.39 42.84 4.76
N SER C 104 -23.38 41.78 3.93
CA SER C 104 -22.33 41.50 2.96
C SER C 104 -23.02 41.53 1.61
N PHE C 105 -22.70 42.55 0.82
CA PHE C 105 -23.36 42.78 -0.45
C PHE C 105 -22.49 42.50 -1.64
N CYS C 106 -23.08 41.85 -2.64
CA CYS C 106 -22.49 41.59 -3.95
C CYS C 106 -23.37 42.24 -5.04
N PRO C 107 -22.96 43.40 -5.61
CA PRO C 107 -23.84 44.08 -6.62
C PRO C 107 -23.95 43.38 -7.96
N GLN C 108 -25.10 43.53 -8.72
CA GLN C 108 -25.28 42.81 -10.01
C GLN C 108 -24.29 43.21 -11.11
N PHE C 109 -23.75 44.41 -11.01
CA PHE C 109 -22.71 44.92 -11.87
C PHE C 109 -21.51 44.95 -10.93
N SER C 110 -20.35 44.55 -11.38
CA SER C 110 -19.23 44.45 -10.41
C SER C 110 -18.84 45.79 -9.73
N TRP C 111 -18.07 45.69 -8.65
CA TRP C 111 -17.56 46.86 -7.95
C TRP C 111 -16.12 46.53 -7.58
N ILE C 112 -15.23 47.46 -7.82
CA ILE C 112 -13.83 47.27 -7.58
C ILE C 112 -13.25 48.52 -6.98
N MET C 113 -12.23 48.38 -6.19
CA MET C 113 -11.55 49.43 -5.48
C MET C 113 -10.10 49.53 -5.98
N PRO C 114 -9.52 50.73 -6.17
CA PRO C 114 -8.11 50.76 -6.59
C PRO C 114 -7.27 50.10 -5.48
N GLY C 115 -6.54 49.06 -5.87
CA GLY C 115 -5.74 48.27 -4.92
C GLY C 115 -5.56 46.86 -5.39
N THR C 116 -4.89 46.01 -4.58
CA THR C 116 -4.64 44.64 -5.04
C THR C 116 -5.91 43.82 -5.11
N ILE C 117 -5.83 42.64 -5.71
CA ILE C 117 -6.96 41.70 -5.80
C ILE C 117 -7.25 41.22 -4.39
N LYS C 118 -6.21 40.94 -3.63
CA LYS C 118 -6.29 40.51 -2.26
C LYS C 118 -6.95 41.55 -1.39
N GLU C 119 -6.57 42.81 -1.60
CA GLU C 119 -7.13 43.96 -0.90
C GLU C 119 -8.58 44.16 -1.21
N ASN C 120 -9.00 43.88 -2.44
CA ASN C 120 -10.40 43.95 -2.87
C ASN C 120 -11.19 42.83 -2.29
N ILE C 121 -10.61 41.60 -2.16
CA ILE C 121 -11.35 40.46 -1.62
C ILE C 121 -11.45 40.52 -0.09
N ILE C 122 -10.32 40.65 0.61
CA ILE C 122 -10.34 40.68 2.08
C ILE C 122 -10.97 41.97 2.56
N PHE C 123 -10.88 43.08 1.81
CA PHE C 123 -11.63 44.32 2.08
C PHE C 123 -11.83 44.71 3.55
N GLY C 124 -10.73 44.99 4.25
CA GLY C 124 -10.78 45.42 5.64
C GLY C 124 -10.88 44.32 6.68
N VAL C 125 -11.20 43.10 6.26
CA VAL C 125 -11.25 42.04 7.23
C VAL C 125 -9.87 41.34 7.24
N SER C 126 -9.53 40.70 8.36
CA SER C 126 -8.27 40.02 8.60
C SER C 126 -8.01 38.97 7.54
N TYR C 127 -6.75 38.92 7.06
CA TYR C 127 -6.31 37.89 6.13
C TYR C 127 -6.08 36.59 6.90
N ASP C 128 -6.66 35.52 6.38
CA ASP C 128 -6.42 34.16 6.81
C ASP C 128 -6.14 33.40 5.54
N GLU C 129 -5.01 32.75 5.50
CA GLU C 129 -4.57 31.98 4.36
C GLU C 129 -5.64 30.96 3.93
N TYR C 130 -6.19 30.19 4.90
CA TYR C 130 -7.20 29.17 4.69
C TYR C 130 -8.57 29.72 4.31
N ARG C 131 -9.04 30.81 4.97
CA ARG C 131 -10.32 31.46 4.63
C ARG C 131 -10.22 31.94 3.19
N TYR C 132 -9.11 32.65 2.87
CA TYR C 132 -8.81 33.18 1.56
C TYR C 132 -8.82 32.06 0.47
N ARG C 133 -7.96 31.01 0.60
CA ARG C 133 -7.84 29.85 -0.31
C ARG C 133 -9.18 29.13 -0.58
N SER C 134 -10.03 29.02 0.45
CA SER C 134 -11.36 28.43 0.33
C SER C 134 -12.22 29.23 -0.62
N VAL C 135 -12.24 30.55 -0.42
CA VAL C 135 -13.02 31.53 -1.18
C VAL C 135 -12.58 31.60 -2.65
N ILE C 136 -11.27 31.67 -2.87
CA ILE C 136 -10.63 31.74 -4.18
C ILE C 136 -10.99 30.57 -5.05
N LYS C 137 -10.86 29.38 -4.50
CA LYS C 137 -11.17 28.11 -5.16
C LYS C 137 -12.69 27.97 -5.43
N ALA C 138 -13.52 28.34 -4.45
CA ALA C 138 -14.98 28.32 -4.53
C ALA C 138 -15.54 29.28 -5.58
N CYS C 139 -14.83 30.40 -5.80
CA CYS C 139 -15.25 31.46 -6.71
C CYS C 139 -14.55 31.41 -8.06
N GLN C 140 -13.86 30.29 -8.36
CA GLN C 140 -13.15 29.99 -9.62
C GLN C 140 -12.17 31.10 -10.03
N LEU C 141 -11.41 31.62 -9.05
CA LEU C 141 -10.42 32.67 -9.25
C LEU C 141 -8.96 32.18 -9.28
N GLU C 142 -8.70 30.93 -8.84
CA GLU C 142 -7.36 30.35 -8.75
C GLU C 142 -6.56 30.44 -10.05
N GLU C 143 -7.13 29.93 -11.16
CA GLU C 143 -6.47 29.94 -12.48
C GLU C 143 -6.19 31.34 -12.99
N ASP C 144 -7.20 32.25 -12.86
CA ASP C 144 -7.10 33.66 -13.25
C ASP C 144 -5.95 34.39 -12.54
N ILE C 145 -5.90 34.29 -11.20
CA ILE C 145 -4.91 34.95 -10.34
C ILE C 145 -3.47 34.48 -10.66
N SER C 146 -3.25 33.16 -10.79
CA SER C 146 -1.96 32.53 -11.08
C SER C 146 -1.33 32.99 -12.41
N LYS C 147 -2.18 33.40 -13.39
CA LYS C 147 -1.76 33.84 -14.71
C LYS C 147 -1.16 35.27 -14.68
N PHE C 148 -1.32 36.01 -13.57
CA PHE C 148 -0.71 37.33 -13.41
C PHE C 148 0.64 37.12 -12.69
N PRO C 149 1.70 37.87 -13.09
CA PRO C 149 3.01 37.73 -12.43
C PRO C 149 3.03 38.03 -10.93
N GLU C 150 2.25 39.05 -10.48
CA GLU C 150 2.11 39.45 -9.07
C GLU C 150 1.00 38.73 -8.33
N LYS C 151 0.23 37.92 -9.08
CA LYS C 151 -0.89 37.09 -8.59
C LYS C 151 -1.94 37.93 -7.83
N ASP C 152 -2.06 37.68 -6.54
CA ASP C 152 -2.99 38.36 -5.63
C ASP C 152 -2.56 39.76 -5.34
N ASN C 153 -1.32 40.07 -5.62
CA ASN C 153 -0.75 41.40 -5.37
C ASN C 153 -0.79 42.30 -6.59
N THR C 154 -1.61 41.91 -7.61
CA THR C 154 -1.84 42.66 -8.83
C THR C 154 -2.77 43.81 -8.46
N VAL C 155 -2.41 45.03 -8.90
CA VAL C 155 -3.15 46.26 -8.67
C VAL C 155 -4.26 46.45 -9.71
N LEU C 156 -5.49 46.65 -9.21
CA LEU C 156 -6.68 46.92 -10.01
C LEU C 156 -7.06 48.41 -9.88
N GLY C 157 -7.83 48.90 -10.88
CA GLY C 157 -8.40 50.24 -10.93
C GLY C 157 -7.50 51.46 -10.99
N GLU C 158 -6.25 51.31 -11.48
CA GLU C 158 -5.31 52.44 -11.55
C GLU C 158 -4.75 52.70 -12.96
N GLY C 159 -5.55 52.35 -13.98
CA GLY C 159 -5.22 52.52 -15.40
C GLY C 159 -4.38 51.39 -15.97
N GLY C 160 -3.96 50.48 -15.10
CA GLY C 160 -3.11 49.34 -15.46
C GLY C 160 -3.88 48.17 -16.00
N ILE C 161 -4.05 47.12 -15.18
CA ILE C 161 -4.74 45.91 -15.62
C ILE C 161 -6.25 46.08 -15.57
N THR C 162 -6.87 45.65 -16.67
CA THR C 162 -8.30 45.70 -16.84
C THR C 162 -8.79 44.27 -16.90
N LEU C 163 -9.56 43.86 -15.89
CA LEU C 163 -10.14 42.53 -15.83
C LEU C 163 -11.42 42.50 -16.67
N SER C 164 -11.87 41.29 -17.01
CA SER C 164 -13.10 41.02 -17.75
C SER C 164 -14.27 41.18 -16.78
N GLY C 165 -15.48 41.29 -17.33
CA GLY C 165 -16.70 41.43 -16.55
C GLY C 165 -16.95 40.23 -15.65
N GLY C 166 -16.53 39.05 -16.11
CA GLY C 166 -16.62 37.79 -15.40
C GLY C 166 -15.64 37.67 -14.25
N GLN C 167 -14.40 38.14 -14.46
CA GLN C 167 -13.36 38.17 -13.43
C GLN C 167 -13.76 39.10 -12.31
N ARG C 168 -14.21 40.32 -12.66
CA ARG C 168 -14.68 41.39 -11.76
C ARG C 168 -15.88 40.90 -10.94
N ALA C 169 -16.80 40.14 -11.57
CA ALA C 169 -17.97 39.51 -10.96
C ALA C 169 -17.55 38.47 -9.91
N ARG C 170 -16.47 37.70 -10.22
CA ARG C 170 -15.95 36.66 -9.34
C ARG C 170 -15.20 37.27 -8.14
N ILE C 171 -14.59 38.41 -8.33
CA ILE C 171 -13.89 39.11 -7.28
C ILE C 171 -14.90 39.71 -6.31
N SER C 172 -15.97 40.23 -6.86
CA SER C 172 -17.07 40.89 -6.17
C SER C 172 -17.76 39.89 -5.27
N LEU C 173 -17.94 38.66 -5.77
CA LEU C 173 -18.56 37.57 -5.02
C LEU C 173 -17.65 37.06 -3.94
N ALA C 174 -16.33 36.97 -4.24
CA ALA C 174 -15.29 36.57 -3.32
C ALA C 174 -15.20 37.51 -2.11
N ARG C 175 -15.34 38.82 -2.35
CA ARG C 175 -15.38 39.83 -1.32
C ARG C 175 -16.59 39.58 -0.43
N ALA C 176 -17.75 39.32 -1.03
CA ALA C 176 -19.03 39.12 -0.34
C ALA C 176 -19.01 37.84 0.53
N VAL C 177 -18.36 36.79 0.04
CA VAL C 177 -18.30 35.51 0.75
C VAL C 177 -17.16 35.48 1.79
N TYR C 178 -16.09 36.31 1.63
CA TYR C 178 -14.99 36.39 2.59
C TYR C 178 -15.44 37.12 3.85
N LYS C 179 -16.36 38.08 3.71
CA LYS C 179 -16.87 38.87 4.82
C LYS C 179 -17.66 38.02 5.80
N ASP C 180 -17.40 38.24 7.09
CA ASP C 180 -18.11 37.64 8.19
C ASP C 180 -19.32 38.57 8.49
N ALA C 181 -20.50 38.22 7.95
CA ALA C 181 -21.71 39.04 8.06
C ALA C 181 -22.89 38.22 8.56
N ASP C 182 -23.97 38.90 8.99
CA ASP C 182 -25.21 38.28 9.43
C ASP C 182 -26.09 37.88 8.23
N LEU C 183 -26.07 38.71 7.16
CA LEU C 183 -26.88 38.55 5.97
C LEU C 183 -26.08 38.81 4.72
N TYR C 184 -26.17 37.89 3.75
CA TYR C 184 -25.48 37.94 2.47
C TYR C 184 -26.49 38.19 1.37
N LEU C 185 -26.32 39.34 0.69
CA LEU C 185 -27.19 39.78 -0.42
C LEU C 185 -26.40 39.71 -1.70
N LEU C 186 -26.74 38.73 -2.53
CA LEU C 186 -26.03 38.47 -3.78
C LEU C 186 -26.98 38.77 -4.93
N ASP C 187 -26.85 39.97 -5.51
CA ASP C 187 -27.74 40.40 -6.59
C ASP C 187 -27.21 39.91 -7.91
N SER C 188 -27.88 38.91 -8.55
CA SER C 188 -27.50 38.28 -9.83
C SER C 188 -25.93 38.18 -10.00
N PRO C 189 -25.24 37.38 -9.17
CA PRO C 189 -23.78 37.35 -9.26
C PRO C 189 -23.24 36.59 -10.49
N PHE C 190 -24.11 35.84 -11.19
CA PHE C 190 -23.77 34.95 -12.31
C PHE C 190 -24.13 35.49 -13.70
N GLY C 191 -24.71 36.67 -13.74
CA GLY C 191 -25.18 37.30 -14.97
C GLY C 191 -24.13 37.53 -16.06
N TYR C 192 -22.85 37.67 -15.67
CA TYR C 192 -21.79 37.92 -16.64
C TYR C 192 -20.84 36.72 -16.80
N LEU C 193 -21.25 35.57 -16.23
CA LEU C 193 -20.56 34.26 -16.23
C LEU C 193 -21.29 33.27 -17.13
N ASP C 194 -20.53 32.32 -17.68
CA ASP C 194 -21.05 31.22 -18.49
C ASP C 194 -21.74 30.20 -17.57
N VAL C 195 -22.57 29.33 -18.17
CA VAL C 195 -23.42 28.35 -17.50
C VAL C 195 -22.62 27.28 -16.71
N LEU C 196 -21.39 26.95 -17.17
CA LEU C 196 -20.51 25.96 -16.55
C LEU C 196 -19.82 26.51 -15.30
N THR C 197 -19.28 27.74 -15.39
CA THR C 197 -18.66 28.49 -14.30
C THR C 197 -19.69 28.79 -13.22
N GLU C 198 -20.90 29.22 -13.63
CA GLU C 198 -22.02 29.50 -12.74
C GLU C 198 -22.39 28.28 -11.90
N LYS C 199 -22.43 27.06 -12.50
CA LYS C 199 -22.78 25.82 -11.82
C LYS C 199 -21.74 25.47 -10.77
N GLU C 200 -20.45 25.62 -11.12
CA GLU C 200 -19.31 25.35 -10.22
C GLU C 200 -19.36 26.29 -9.00
N ILE C 201 -19.57 27.61 -9.22
CA ILE C 201 -19.65 28.60 -8.16
C ILE C 201 -20.90 28.41 -7.34
N PHE C 202 -22.05 28.15 -7.97
CA PHE C 202 -23.28 27.96 -7.20
C PHE C 202 -23.16 26.81 -6.20
N GLU C 203 -22.66 25.66 -6.67
CA GLU C 203 -22.49 24.45 -5.87
C GLU C 203 -21.41 24.55 -4.80
N SER C 204 -20.19 24.98 -5.17
CA SER C 204 -19.06 25.03 -4.24
C SER C 204 -19.04 26.26 -3.33
N CYS C 205 -19.74 27.32 -3.72
CA CYS C 205 -19.80 28.55 -2.95
C CYS C 205 -21.14 28.75 -2.21
N VAL C 206 -22.20 29.10 -2.94
CA VAL C 206 -23.53 29.44 -2.44
C VAL C 206 -24.18 28.29 -1.62
N CYS C 207 -23.89 27.04 -2.02
CA CYS C 207 -24.45 25.84 -1.41
C CYS C 207 -23.57 25.20 -0.37
N LYS C 208 -22.28 25.00 -0.68
CA LYS C 208 -21.35 24.34 0.24
C LYS C 208 -20.66 25.31 1.22
N LEU C 209 -19.81 26.22 0.72
CA LEU C 209 -19.03 27.17 1.53
C LEU C 209 -19.88 28.05 2.41
N MET C 210 -21.11 28.42 1.94
CA MET C 210 -22.09 29.27 2.65
C MET C 210 -23.30 28.50 3.19
N ALA C 211 -23.21 27.18 3.34
CA ALA C 211 -24.27 26.26 3.79
C ALA C 211 -25.13 26.69 5.00
N ASN C 212 -24.54 27.38 6.01
CA ASN C 212 -25.36 27.76 7.19
C ASN C 212 -25.40 29.28 7.41
N LYS C 213 -25.17 30.03 6.33
CA LYS C 213 -25.19 31.49 6.34
C LYS C 213 -26.57 31.93 5.86
N THR C 214 -27.03 33.12 6.26
CA THR C 214 -28.32 33.66 5.84
C THR C 214 -28.07 34.36 4.49
N ARG C 215 -28.54 33.74 3.39
CA ARG C 215 -28.29 34.20 2.03
C ARG C 215 -29.56 34.55 1.30
N ILE C 216 -29.51 35.65 0.56
CA ILE C 216 -30.57 36.08 -0.33
C ILE C 216 -29.88 36.16 -1.69
N LEU C 217 -30.20 35.19 -2.58
CA LEU C 217 -29.64 35.11 -3.92
C LEU C 217 -30.71 35.51 -4.92
N VAL C 218 -30.42 36.54 -5.74
CA VAL C 218 -31.33 37.02 -6.79
C VAL C 218 -31.02 36.12 -8.00
N THR C 219 -31.96 35.21 -8.33
CA THR C 219 -31.86 34.24 -9.42
C THR C 219 -33.25 33.81 -9.87
N SER C 220 -33.41 33.55 -11.18
CA SER C 220 -34.69 33.08 -11.74
C SER C 220 -34.53 31.69 -12.37
N LYS C 221 -33.34 31.10 -12.21
CA LYS C 221 -32.98 29.77 -12.70
C LYS C 221 -33.67 28.72 -11.85
N MET C 222 -34.49 27.87 -12.49
CA MET C 222 -35.21 26.78 -11.83
C MET C 222 -34.28 25.78 -11.15
N GLU C 223 -33.07 25.63 -11.68
CA GLU C 223 -31.96 24.80 -11.23
C GLU C 223 -31.50 25.24 -9.86
N HIS C 224 -31.51 26.57 -9.62
CA HIS C 224 -31.10 27.21 -8.36
C HIS C 224 -32.25 27.26 -7.34
N LEU C 225 -33.47 27.44 -7.83
CA LEU C 225 -34.70 27.52 -7.04
C LEU C 225 -34.98 26.20 -6.33
N LYS C 226 -34.58 25.09 -6.99
CA LYS C 226 -34.64 23.70 -6.56
C LYS C 226 -33.79 23.48 -5.31
N LYS C 227 -32.72 24.27 -5.15
CA LYS C 227 -31.72 24.19 -4.08
C LYS C 227 -31.95 25.22 -2.97
N ALA C 228 -32.91 26.12 -3.17
CA ALA C 228 -33.25 27.17 -2.21
C ALA C 228 -34.18 26.59 -1.15
N ASP C 229 -34.12 27.13 0.07
CA ASP C 229 -34.95 26.75 1.21
C ASP C 229 -36.33 27.41 1.05
N LYS C 230 -36.34 28.64 0.53
CA LYS C 230 -37.53 29.44 0.23
C LYS C 230 -37.31 30.20 -1.09
N ILE C 231 -38.40 30.53 -1.78
CA ILE C 231 -38.39 31.26 -3.04
C ILE C 231 -39.38 32.42 -2.96
N LEU C 232 -38.99 33.57 -3.48
CA LEU C 232 -39.86 34.71 -3.59
C LEU C 232 -39.91 35.11 -5.05
N ILE C 233 -41.06 34.98 -5.69
CA ILE C 233 -41.20 35.41 -7.08
C ILE C 233 -41.87 36.78 -7.08
N LEU C 234 -41.24 37.75 -7.70
CA LEU C 234 -41.75 39.11 -7.87
C LEU C 234 -42.30 39.29 -9.27
N HIS C 235 -43.30 40.18 -9.36
CA HIS C 235 -43.92 40.63 -10.60
C HIS C 235 -44.30 42.08 -10.45
N GLU C 236 -43.68 42.95 -11.27
CA GLU C 236 -43.92 44.39 -11.32
C GLU C 236 -44.03 45.06 -9.93
N GLY C 237 -43.02 44.83 -9.09
CA GLY C 237 -42.93 45.39 -7.75
C GLY C 237 -43.69 44.67 -6.66
N SER C 238 -44.46 43.64 -7.03
CA SER C 238 -45.28 42.89 -6.07
C SER C 238 -44.91 41.42 -6.03
N SER C 239 -45.15 40.76 -4.90
CA SER C 239 -44.94 39.33 -4.71
C SER C 239 -46.03 38.52 -5.47
N TYR C 240 -45.63 37.46 -6.15
CA TYR C 240 -46.55 36.54 -6.82
C TYR C 240 -46.62 35.26 -5.97
N PHE C 241 -45.44 34.78 -5.55
CA PHE C 241 -45.28 33.56 -4.79
C PHE C 241 -44.23 33.74 -3.74
N TYR C 242 -44.45 33.09 -2.60
CA TYR C 242 -43.52 32.95 -1.49
C TYR C 242 -43.74 31.58 -0.88
N GLY C 243 -42.70 30.77 -0.91
CA GLY C 243 -42.75 29.41 -0.39
C GLY C 243 -41.66 28.53 -0.89
N THR C 244 -41.83 27.21 -0.72
CA THR C 244 -40.85 26.21 -1.08
C THR C 244 -40.93 25.85 -2.56
N PHE C 245 -39.92 25.11 -3.07
CA PHE C 245 -39.89 24.60 -4.43
C PHE C 245 -41.03 23.61 -4.68
N SER C 246 -41.37 22.79 -3.65
CA SER C 246 -42.49 21.82 -3.67
C SER C 246 -43.81 22.54 -3.86
N GLU C 247 -44.02 23.66 -3.14
CA GLU C 247 -45.21 24.53 -3.22
C GLU C 247 -45.30 25.16 -4.61
N LEU C 248 -44.17 25.60 -5.18
CA LEU C 248 -44.06 26.19 -6.51
C LEU C 248 -44.40 25.16 -7.61
N GLN C 249 -43.96 23.91 -7.42
CA GLN C 249 -44.20 22.80 -8.32
C GLN C 249 -45.69 22.45 -8.45
N ASN C 250 -46.46 22.59 -7.33
CA ASN C 250 -47.90 22.30 -7.28
C ASN C 250 -48.78 23.39 -7.89
N LEU C 251 -48.19 24.48 -8.43
CA LEU C 251 -48.91 25.59 -9.04
C LEU C 251 -48.91 25.48 -10.57
N GLN D 1 -41.99 21.70 -25.00
CA GLN D 1 -40.68 21.25 -24.64
C GLN D 1 -39.73 22.03 -25.48
N VAL D 2 -38.64 22.52 -24.92
CA VAL D 2 -37.73 23.30 -25.75
C VAL D 2 -36.71 22.33 -26.31
N GLN D 3 -36.51 22.38 -27.62
CA GLN D 3 -35.54 21.57 -28.32
C GLN D 3 -34.59 22.44 -29.08
N LEU D 4 -33.28 22.15 -28.95
CA LEU D 4 -32.18 22.82 -29.64
C LEU D 4 -31.55 21.83 -30.60
N GLN D 5 -31.27 22.29 -31.84
CA GLN D 5 -30.66 21.45 -32.87
C GLN D 5 -29.48 22.15 -33.56
N GLU D 6 -28.26 21.67 -33.31
CA GLU D 6 -27.06 22.15 -33.98
C GLU D 6 -26.87 21.53 -35.36
N SER D 7 -26.26 22.29 -36.24
CA SER D 7 -25.89 21.91 -37.61
C SER D 7 -24.65 22.73 -38.00
N GLY D 8 -24.02 22.34 -39.12
CA GLY D 8 -22.86 23.01 -39.70
C GLY D 8 -21.52 22.40 -39.41
N GLY D 9 -21.50 21.40 -38.54
CA GLY D 9 -20.28 20.70 -38.18
C GLY D 9 -19.75 19.81 -39.29
N GLY D 10 -18.47 19.51 -39.24
CA GLY D 10 -17.86 18.64 -40.24
C GLY D 10 -16.37 18.51 -40.16
N LEU D 11 -15.79 17.85 -41.15
CA LEU D 11 -14.36 17.69 -41.25
C LEU D 11 -13.79 18.88 -42.01
N GLU D 12 -12.73 19.47 -41.45
CA GLU D 12 -12.05 20.62 -41.99
C GLU D 12 -10.55 20.45 -41.86
N GLN D 13 -9.78 21.12 -42.71
CA GLN D 13 -8.34 21.07 -42.70
C GLN D 13 -7.81 22.25 -41.87
N PRO D 14 -6.61 22.15 -41.22
CA PRO D 14 -6.08 23.31 -40.49
C PRO D 14 -6.09 24.59 -41.34
N GLY D 15 -6.57 25.68 -40.76
CA GLY D 15 -6.73 26.97 -41.42
C GLY D 15 -8.09 27.15 -42.07
N GLY D 16 -8.92 26.11 -42.02
CA GLY D 16 -10.25 26.11 -42.60
C GLY D 16 -11.28 26.92 -41.82
N SER D 17 -12.45 27.10 -42.44
CA SER D 17 -13.57 27.86 -41.91
C SER D 17 -14.82 26.98 -41.81
N LEU D 18 -15.66 27.31 -40.84
CA LEU D 18 -16.87 26.59 -40.54
C LEU D 18 -17.91 27.48 -39.93
N ARG D 19 -19.18 27.23 -40.17
CA ARG D 19 -20.25 27.99 -39.56
C ARG D 19 -21.26 27.07 -38.88
N LEU D 20 -21.31 27.12 -37.54
CA LEU D 20 -22.26 26.33 -36.76
C LEU D 20 -23.51 27.15 -36.51
N SER D 21 -24.68 26.50 -36.68
CA SER D 21 -26.02 27.05 -36.49
C SER D 21 -26.74 26.26 -35.43
N CYS D 22 -27.63 26.91 -34.71
CA CYS D 22 -28.42 26.25 -33.71
C CYS D 22 -29.85 26.73 -33.77
N ALA D 23 -30.76 25.87 -34.22
CA ALA D 23 -32.19 26.20 -34.29
C ALA D 23 -32.92 25.76 -33.01
N THR D 24 -33.96 26.50 -32.65
CA THR D 24 -34.78 26.18 -31.48
C THR D 24 -36.25 25.98 -31.86
N SER D 25 -36.98 25.20 -31.04
CA SER D 25 -38.41 24.92 -31.16
C SER D 25 -39.03 24.75 -29.77
N GLY D 26 -40.31 25.07 -29.64
CA GLY D 26 -41.04 24.99 -28.38
C GLY D 26 -40.80 26.17 -27.46
N VAL D 27 -40.34 27.34 -28.00
CA VAL D 27 -40.08 28.54 -27.19
C VAL D 27 -41.34 29.40 -27.11
N ILE D 28 -42.01 29.36 -25.94
CA ILE D 28 -43.26 30.09 -25.66
C ILE D 28 -42.97 31.51 -25.21
N PHE D 29 -41.93 31.73 -24.36
CA PHE D 29 -41.68 33.04 -23.76
C PHE D 29 -40.45 33.76 -24.25
N GLY D 30 -39.46 33.05 -24.72
CA GLY D 30 -38.21 33.65 -25.21
C GLY D 30 -36.97 33.01 -24.63
N ILE D 31 -35.82 33.39 -25.20
CA ILE D 31 -34.48 32.96 -24.82
C ILE D 31 -33.68 34.16 -24.31
N ASN D 32 -32.90 33.95 -23.23
CA ASN D 32 -32.07 34.96 -22.63
C ASN D 32 -30.63 34.83 -23.08
N ALA D 33 -29.89 33.85 -22.56
CA ALA D 33 -28.50 33.61 -22.88
C ALA D 33 -28.40 32.42 -23.79
N MET D 34 -27.61 32.56 -24.87
CA MET D 34 -27.38 31.53 -25.86
C MET D 34 -25.91 31.47 -26.08
N GLY D 35 -25.38 30.26 -26.08
CA GLY D 35 -23.96 30.08 -26.24
C GLY D 35 -23.56 28.82 -26.94
N TRP D 36 -22.25 28.69 -27.06
CA TRP D 36 -21.50 27.60 -27.67
C TRP D 36 -20.46 27.07 -26.69
N TYR D 37 -20.50 25.75 -26.49
CA TYR D 37 -19.63 25.00 -25.60
C TYR D 37 -19.09 23.84 -26.42
N ARG D 38 -18.03 23.20 -25.94
CA ARG D 38 -17.43 22.05 -26.61
C ARG D 38 -16.79 21.06 -25.65
N GLN D 39 -16.69 19.80 -26.06
CA GLN D 39 -15.92 18.81 -25.33
C GLN D 39 -15.27 17.81 -26.28
N ALA D 40 -13.93 17.69 -26.16
CA ALA D 40 -13.09 16.74 -26.87
C ALA D 40 -13.29 15.37 -26.19
N PRO D 41 -13.04 14.20 -26.83
CA PRO D 41 -13.27 12.91 -26.13
C PRO D 41 -12.42 12.76 -24.87
N GLY D 42 -13.09 12.33 -23.80
CA GLY D 42 -12.48 12.15 -22.49
C GLY D 42 -12.01 13.43 -21.82
N LYS D 43 -12.54 14.58 -22.27
CA LYS D 43 -12.23 15.90 -21.71
C LYS D 43 -13.51 16.55 -21.19
N GLN D 44 -13.36 17.50 -20.25
CA GLN D 44 -14.48 18.21 -19.62
C GLN D 44 -14.97 19.32 -20.55
N ARG D 45 -16.33 19.49 -20.64
CA ARG D 45 -17.01 20.51 -21.44
C ARG D 45 -16.54 21.89 -21.03
N GLU D 46 -16.28 22.74 -22.03
CA GLU D 46 -15.78 24.09 -21.83
C GLU D 46 -16.49 25.11 -22.73
N LEU D 47 -16.47 26.37 -22.29
CA LEU D 47 -17.04 27.47 -23.04
C LEU D 47 -16.22 27.72 -24.30
N VAL D 48 -16.89 28.15 -25.38
CA VAL D 48 -16.26 28.57 -26.62
C VAL D 48 -16.56 30.07 -26.72
N ALA D 49 -17.86 30.41 -26.82
CA ALA D 49 -18.38 31.77 -26.92
C ALA D 49 -19.81 31.75 -26.45
N THR D 50 -20.21 32.77 -25.69
CA THR D 50 -21.58 32.90 -25.23
C THR D 50 -22.02 34.35 -25.12
N PHE D 51 -23.32 34.57 -25.22
CA PHE D 51 -23.99 35.83 -24.92
C PHE D 51 -24.36 35.64 -23.46
N THR D 52 -24.03 36.63 -22.64
CA THR D 52 -24.32 36.54 -21.21
C THR D 52 -25.73 37.05 -20.93
N SER D 53 -26.21 36.81 -19.70
CA SER D 53 -27.52 37.26 -19.21
C SER D 53 -27.61 38.82 -19.33
N GLY D 54 -26.46 39.48 -19.19
CA GLY D 54 -26.31 40.92 -19.28
C GLY D 54 -26.18 41.46 -20.69
N GLY D 55 -26.50 40.64 -21.70
CA GLY D 55 -26.49 41.03 -23.12
C GLY D 55 -25.15 41.13 -23.83
N SER D 56 -24.05 41.10 -23.04
CA SER D 56 -22.68 41.16 -23.52
C SER D 56 -22.22 39.80 -24.06
N THR D 57 -21.03 39.77 -24.68
CA THR D 57 -20.42 38.58 -25.26
C THR D 57 -19.16 38.19 -24.49
N ASN D 58 -19.00 36.89 -24.22
CA ASN D 58 -17.86 36.35 -23.51
C ASN D 58 -17.25 35.18 -24.34
N TYR D 59 -15.99 35.35 -24.80
CA TYR D 59 -15.24 34.33 -25.55
C TYR D 59 -14.20 33.68 -24.65
N ALA D 60 -13.93 32.37 -24.89
CA ALA D 60 -12.89 31.61 -24.20
C ALA D 60 -11.52 32.11 -24.66
N ASP D 61 -10.50 31.95 -23.80
CA ASP D 61 -9.12 32.42 -24.01
C ASP D 61 -8.48 31.91 -25.32
N PHE D 62 -8.83 30.67 -25.71
CA PHE D 62 -8.32 29.97 -26.89
C PHE D 62 -8.89 30.44 -28.25
N VAL D 63 -9.93 31.23 -28.28
CA VAL D 63 -10.54 31.67 -29.51
C VAL D 63 -9.64 32.61 -30.26
N GLU D 64 -9.01 33.49 -29.52
CA GLU D 64 -8.07 34.51 -29.98
C GLU D 64 -8.50 35.25 -31.26
N GLY D 65 -9.72 35.77 -31.26
CA GLY D 65 -10.30 36.52 -32.37
C GLY D 65 -10.77 35.72 -33.58
N ARG D 66 -10.53 34.39 -33.60
CA ARG D 66 -10.87 33.54 -34.74
C ARG D 66 -12.36 33.28 -34.94
N PHE D 67 -13.09 33.16 -33.84
CA PHE D 67 -14.52 32.83 -33.86
C PHE D 67 -15.39 34.03 -33.51
N THR D 68 -16.64 34.02 -34.03
CA THR D 68 -17.66 35.06 -33.78
C THR D 68 -18.98 34.41 -33.45
N ILE D 69 -19.63 34.88 -32.39
CA ILE D 69 -20.96 34.43 -31.99
C ILE D 69 -21.99 35.51 -32.47
N SER D 70 -23.01 35.08 -33.20
CA SER D 70 -24.10 35.90 -33.74
C SER D 70 -25.42 35.32 -33.21
N ARG D 71 -26.50 36.10 -33.31
CA ARG D 71 -27.79 35.69 -32.76
C ARG D 71 -28.90 36.27 -33.60
N ASP D 72 -29.98 35.52 -33.84
CA ASP D 72 -31.16 36.06 -34.53
C ASP D 72 -32.30 35.97 -33.54
N ASN D 73 -32.64 37.09 -32.90
CA ASN D 73 -33.69 37.18 -31.88
C ASN D 73 -35.08 36.82 -32.37
N ALA D 74 -35.39 37.16 -33.63
CA ALA D 74 -36.68 36.87 -34.25
C ALA D 74 -36.89 35.36 -34.53
N LYS D 75 -35.81 34.64 -34.83
CA LYS D 75 -35.85 33.23 -35.12
C LYS D 75 -35.40 32.35 -33.97
N ASN D 76 -34.86 32.97 -32.95
CA ASN D 76 -34.34 32.32 -31.72
C ASN D 76 -33.24 31.33 -32.05
N THR D 77 -32.26 31.80 -32.85
CA THR D 77 -31.12 31.03 -33.34
C THR D 77 -29.80 31.64 -32.83
N VAL D 78 -28.77 30.80 -32.67
CA VAL D 78 -27.43 31.24 -32.31
C VAL D 78 -26.47 30.66 -33.38
N TYR D 79 -25.36 31.37 -33.64
CA TYR D 79 -24.38 30.98 -34.66
C TYR D 79 -22.97 31.14 -34.17
N LEU D 80 -22.06 30.38 -34.77
CA LEU D 80 -20.65 30.41 -34.48
C LEU D 80 -19.92 30.35 -35.79
N GLN D 81 -19.33 31.47 -36.17
CA GLN D 81 -18.50 31.58 -37.35
C GLN D 81 -17.09 31.27 -36.86
N MET D 82 -16.48 30.28 -37.47
CA MET D 82 -15.16 29.80 -37.12
C MET D 82 -14.18 29.95 -38.27
N ASN D 83 -13.00 30.45 -37.97
CA ASN D 83 -11.95 30.64 -38.95
C ASN D 83 -10.66 30.21 -38.30
N GLY D 84 -9.61 30.03 -39.10
CA GLY D 84 -8.29 29.62 -38.62
C GLY D 84 -8.35 28.40 -37.74
N LEU D 85 -9.10 27.37 -38.17
CA LEU D 85 -9.30 26.13 -37.44
C LEU D 85 -7.99 25.35 -37.20
N ARG D 86 -7.75 24.98 -35.93
CA ARG D 86 -6.55 24.28 -35.50
C ARG D 86 -6.90 22.83 -35.12
N PRO D 87 -5.95 21.86 -35.18
CA PRO D 87 -6.29 20.48 -34.75
C PRO D 87 -6.88 20.38 -33.33
N GLU D 88 -6.47 21.31 -32.42
CA GLU D 88 -6.92 21.45 -31.03
C GLU D 88 -8.42 21.80 -30.91
N ASP D 89 -9.02 22.35 -32.01
CA ASP D 89 -10.43 22.73 -32.07
C ASP D 89 -11.37 21.53 -32.28
N THR D 90 -10.81 20.33 -32.49
CA THR D 90 -11.57 19.09 -32.67
C THR D 90 -12.31 18.80 -31.35
N ALA D 91 -13.65 18.64 -31.47
CA ALA D 91 -14.57 18.42 -30.34
C ALA D 91 -15.96 18.28 -30.83
N VAL D 92 -16.87 17.92 -29.91
CA VAL D 92 -18.32 17.92 -30.12
C VAL D 92 -18.73 19.30 -29.58
N TYR D 93 -19.31 20.12 -30.45
CA TYR D 93 -19.75 21.47 -30.17
C TYR D 93 -21.21 21.49 -29.82
N TYR D 94 -21.51 21.97 -28.61
CA TYR D 94 -22.86 22.02 -28.08
C TYR D 94 -23.39 23.42 -28.01
N CYS D 95 -24.66 23.51 -28.28
CA CYS D 95 -25.48 24.70 -28.24
C CYS D 95 -26.18 24.74 -26.88
N HIS D 96 -26.27 25.94 -26.31
CA HIS D 96 -26.91 26.14 -25.03
C HIS D 96 -27.86 27.36 -25.08
N ALA D 97 -28.99 27.28 -24.37
CA ALA D 97 -29.94 28.36 -24.24
C ALA D 97 -30.59 28.37 -22.87
N THR D 98 -30.67 29.56 -22.23
CA THR D 98 -31.36 29.79 -20.97
C THR D 98 -32.73 30.27 -21.44
N VAL D 99 -33.71 29.36 -21.42
CA VAL D 99 -35.04 29.62 -21.93
C VAL D 99 -35.98 30.08 -20.82
N VAL D 100 -36.74 31.17 -21.07
CA VAL D 100 -37.79 31.68 -20.17
C VAL D 100 -38.96 30.70 -20.35
N VAL D 101 -39.26 30.02 -19.26
CA VAL D 101 -40.22 28.90 -19.19
C VAL D 101 -41.52 29.29 -18.47
N SER D 102 -41.59 30.52 -17.98
CA SER D 102 -42.71 31.03 -17.18
C SER D 102 -43.02 32.48 -17.54
N ARG D 103 -44.29 32.90 -17.32
CA ARG D 103 -44.72 34.28 -17.54
C ARG D 103 -44.14 35.20 -16.44
N TYR D 104 -43.49 34.60 -15.41
CA TYR D 104 -42.83 35.31 -14.31
C TYR D 104 -41.31 35.42 -14.47
N GLY D 105 -40.79 34.97 -15.61
CA GLY D 105 -39.37 35.08 -15.96
C GLY D 105 -38.43 33.99 -15.46
N LEU D 106 -39.01 32.87 -15.00
CA LEU D 106 -38.28 31.70 -14.52
C LEU D 106 -37.71 30.99 -15.73
N THR D 107 -36.46 30.52 -15.60
CA THR D 107 -35.75 29.90 -16.72
C THR D 107 -35.31 28.44 -16.46
N TYR D 108 -35.05 27.72 -17.56
CA TYR D 108 -34.46 26.39 -17.59
C TYR D 108 -33.38 26.44 -18.67
N ASP D 109 -32.23 25.78 -18.43
CA ASP D 109 -31.10 25.70 -19.34
C ASP D 109 -31.25 24.47 -20.20
N TYR D 110 -31.19 24.67 -21.53
CA TYR D 110 -31.34 23.61 -22.51
C TYR D 110 -30.10 23.48 -23.33
N TRP D 111 -29.79 22.25 -23.67
CA TRP D 111 -28.62 21.86 -24.45
C TRP D 111 -29.04 21.10 -25.69
N GLY D 112 -28.25 21.22 -26.74
CA GLY D 112 -28.49 20.45 -27.95
C GLY D 112 -27.77 19.11 -27.83
N GLN D 113 -27.92 18.25 -28.86
CA GLN D 113 -27.24 16.95 -28.91
C GLN D 113 -25.74 17.07 -29.22
N GLY D 114 -25.36 18.14 -29.90
CA GLY D 114 -23.97 18.39 -30.29
C GLY D 114 -23.73 18.13 -31.76
N THR D 115 -22.75 18.83 -32.36
CA THR D 115 -22.32 18.63 -33.75
C THR D 115 -20.81 18.35 -33.71
N GLN D 116 -20.35 17.31 -34.44
CA GLN D 116 -18.91 17.01 -34.46
C GLN D 116 -18.13 17.97 -35.43
N VAL D 117 -17.07 18.56 -34.91
CA VAL D 117 -16.13 19.38 -35.65
C VAL D 117 -14.77 18.66 -35.56
N THR D 118 -14.26 18.22 -36.72
CA THR D 118 -12.96 17.52 -36.80
C THR D 118 -11.99 18.34 -37.64
N VAL D 119 -10.87 18.76 -37.04
CA VAL D 119 -9.83 19.52 -37.75
C VAL D 119 -8.61 18.63 -37.91
N SER D 120 -8.33 18.19 -39.15
CA SER D 120 -7.21 17.26 -39.41
C SER D 120 -6.52 17.47 -40.76
N SER D 121 -5.18 17.37 -40.78
CA SER D 121 -4.34 17.51 -41.98
C SER D 121 -4.19 16.16 -42.69
N ASP E 58 -1.69 11.37 24.38
CA ASP E 58 -2.43 10.12 24.51
C ASP E 58 -1.68 9.16 25.47
N ILE E 59 -0.32 8.96 25.28
CA ILE E 59 0.54 8.16 26.19
C ILE E 59 1.27 9.20 27.08
N ASN E 60 1.18 9.05 28.41
CA ASN E 60 1.86 9.98 29.31
C ASN E 60 3.30 9.49 29.59
N PHE E 61 4.24 10.23 28.98
CA PHE E 61 5.69 10.06 29.06
C PHE E 61 6.33 11.36 28.59
N LYS E 62 7.63 11.50 28.84
CA LYS E 62 8.45 12.64 28.45
C LYS E 62 9.69 12.10 27.73
N ILE E 63 10.33 12.95 26.92
CA ILE E 63 11.60 12.63 26.27
C ILE E 63 12.59 13.65 26.85
N GLU E 64 13.44 13.21 27.79
CA GLU E 64 14.43 14.07 28.43
C GLU E 64 15.67 14.21 27.60
N ARG E 65 16.15 15.46 27.52
CA ARG E 65 17.35 15.83 26.79
C ARG E 65 18.59 15.14 27.39
N GLY E 66 19.33 14.46 26.52
CA GLY E 66 20.54 13.74 26.86
C GLY E 66 20.34 12.39 27.48
N GLN E 67 19.10 11.98 27.73
CA GLN E 67 18.78 10.70 28.39
C GLN E 67 18.34 9.54 27.47
N LEU E 68 18.46 8.31 27.99
CA LEU E 68 18.06 7.07 27.34
C LEU E 68 16.67 6.67 27.85
N LEU E 69 15.71 6.63 26.93
CA LEU E 69 14.38 6.15 27.21
C LEU E 69 14.26 4.79 26.52
N ALA E 70 14.03 3.75 27.30
CA ALA E 70 13.81 2.40 26.81
C ALA E 70 12.30 2.20 26.68
N VAL E 71 11.84 1.77 25.50
CA VAL E 71 10.43 1.51 25.20
C VAL E 71 10.30 -0.02 25.13
N ALA E 72 9.66 -0.62 26.16
CA ALA E 72 9.47 -2.07 26.33
C ALA E 72 8.05 -2.52 26.05
N GLY E 73 7.89 -3.79 25.76
CA GLY E 73 6.59 -4.35 25.50
C GLY E 73 6.63 -5.56 24.60
N SER E 74 5.55 -6.31 24.60
CA SER E 74 5.42 -7.50 23.81
C SER E 74 5.18 -7.16 22.37
N THR E 75 5.24 -8.13 21.49
CA THR E 75 4.94 -7.85 20.11
C THR E 75 3.50 -7.37 20.01
N GLY E 76 3.28 -6.33 19.23
CA GLY E 76 1.96 -5.77 19.06
C GLY E 76 1.59 -4.74 20.10
N ALA E 77 2.48 -4.46 21.03
CA ALA E 77 2.23 -3.49 22.06
C ALA E 77 2.10 -2.08 21.52
N GLY E 78 2.70 -1.78 20.39
CA GLY E 78 2.59 -0.42 19.90
C GLY E 78 3.87 0.38 19.83
N LYS E 79 4.98 -0.22 20.18
CA LYS E 79 6.31 0.38 20.08
C LYS E 79 6.67 1.08 18.75
N THR E 80 6.48 0.42 17.55
CA THR E 80 6.82 1.03 16.25
C THR E 80 5.90 2.24 15.98
N SER E 81 4.59 2.12 16.32
CA SER E 81 3.58 3.19 16.22
C SER E 81 3.97 4.35 17.09
N LEU E 82 4.38 4.08 18.34
CA LEU E 82 4.81 5.16 19.22
C LEU E 82 5.93 5.97 18.59
N LEU E 83 6.91 5.28 17.94
CA LEU E 83 8.04 5.94 17.28
C LEU E 83 7.57 6.83 16.15
N MET E 84 6.58 6.35 15.39
CA MET E 84 5.92 7.06 14.32
C MET E 84 5.15 8.29 14.86
N MET E 85 4.56 8.17 16.07
CA MET E 85 3.83 9.27 16.74
C MET E 85 4.80 10.33 17.17
N ILE E 86 6.00 9.91 17.61
CA ILE E 86 7.07 10.83 18.00
C ILE E 86 7.62 11.60 16.77
N MET E 87 7.94 10.91 15.68
CA MET E 87 8.48 11.53 14.45
C MET E 87 7.46 12.44 13.77
N GLY E 88 6.19 12.03 13.89
CA GLY E 88 5.02 12.74 13.37
C GLY E 88 4.60 13.91 14.22
N GLU E 89 5.30 14.14 15.34
CA GLU E 89 5.18 15.26 16.28
C GLU E 89 3.87 15.32 17.04
N LEU E 90 3.30 14.14 17.39
CA LEU E 90 2.07 14.04 18.19
C LEU E 90 2.44 13.63 19.60
N GLU E 91 3.55 12.94 19.72
CA GLU E 91 4.01 12.38 20.98
C GLU E 91 5.44 12.86 21.30
N PRO E 92 5.79 13.15 22.57
CA PRO E 92 5.01 12.98 23.81
C PRO E 92 3.92 14.07 24.06
N SER E 93 3.99 15.26 23.38
CA SER E 93 3.06 16.42 23.48
C SER E 93 3.06 17.17 24.82
N ARG E 102 17.29 16.75 12.82
CA ARG E 102 16.34 16.64 13.94
C ARG E 102 16.13 15.18 14.42
N ILE E 103 15.64 14.29 13.53
CA ILE E 103 15.42 12.89 13.83
C ILE E 103 16.44 11.98 13.12
N SER E 104 17.04 11.04 13.87
CA SER E 104 17.92 10.02 13.32
C SER E 104 17.24 8.71 13.63
N PHE E 105 16.77 8.04 12.59
CA PHE E 105 16.00 6.82 12.72
C PHE E 105 16.72 5.60 12.26
N CYS E 106 16.61 4.54 13.06
CA CYS E 106 17.12 3.19 12.77
C CYS E 106 15.93 2.21 12.73
N PRO E 107 15.43 1.80 11.53
CA PRO E 107 14.25 0.90 11.49
C PRO E 107 14.50 -0.53 11.98
N GLN E 108 13.47 -1.24 12.54
CA GLN E 108 13.64 -2.61 13.09
C GLN E 108 14.03 -3.66 12.05
N PHE E 109 13.71 -3.40 10.80
CA PHE E 109 14.14 -4.23 9.68
C PHE E 109 15.14 -3.33 8.99
N SER E 110 16.28 -3.83 8.58
CA SER E 110 17.30 -2.95 8.03
C SER E 110 16.84 -2.14 6.79
N TRP E 111 17.61 -1.11 6.48
CA TRP E 111 17.38 -0.26 5.34
C TRP E 111 18.74 -0.08 4.70
N ILE E 112 18.77 -0.23 3.39
CA ILE E 112 19.97 -0.06 2.63
C ILE E 112 19.66 0.64 1.33
N MET E 113 20.49 1.55 0.90
CA MET E 113 20.30 2.22 -0.38
C MET E 113 21.36 1.73 -1.34
N PRO E 114 21.10 1.77 -2.64
CA PRO E 114 22.14 1.35 -3.59
C PRO E 114 23.29 2.36 -3.49
N GLY E 115 24.47 1.85 -3.18
CA GLY E 115 25.68 2.64 -2.94
C GLY E 115 26.67 1.88 -2.09
N THR E 116 27.80 2.54 -1.74
CA THR E 116 28.85 1.87 -0.94
C THR E 116 28.50 1.76 0.54
N ILE E 117 29.29 0.96 1.32
CA ILE E 117 29.10 0.84 2.79
C ILE E 117 29.26 2.21 3.42
N LYS E 118 30.28 2.98 3.00
CA LYS E 118 30.54 4.34 3.48
C LYS E 118 29.42 5.32 3.14
N GLU E 119 28.92 5.29 1.89
CA GLU E 119 27.87 6.16 1.40
C GLU E 119 26.57 5.91 2.16
N ASN E 120 26.37 4.64 2.56
CA ASN E 120 25.24 4.22 3.35
C ASN E 120 25.30 4.72 4.76
N ILE E 121 26.48 4.82 5.36
CA ILE E 121 26.66 5.29 6.73
C ILE E 121 26.75 6.79 6.83
N ILE E 122 27.62 7.45 6.04
CA ILE E 122 27.73 8.92 6.13
C ILE E 122 26.47 9.63 5.55
N PHE E 123 25.68 8.92 4.72
CA PHE E 123 24.35 9.24 4.17
C PHE E 123 24.09 10.73 3.80
N GLY E 124 24.90 11.25 2.89
CA GLY E 124 24.73 12.60 2.37
C GLY E 124 25.27 13.73 3.24
N VAL E 125 25.72 13.41 4.43
CA VAL E 125 26.28 14.39 5.28
C VAL E 125 27.76 14.53 5.01
N SER E 126 28.38 15.58 5.54
CA SER E 126 29.83 15.76 5.38
C SER E 126 30.60 14.63 6.05
N TYR E 127 31.64 14.12 5.35
CA TYR E 127 32.49 13.07 5.87
C TYR E 127 33.44 13.63 6.94
N ASP E 128 33.42 12.94 8.12
CA ASP E 128 34.22 13.17 9.32
C ASP E 128 34.91 11.84 9.59
N GLU E 129 36.20 11.82 9.27
CA GLU E 129 37.16 10.73 9.37
C GLU E 129 37.14 10.08 10.75
N TYR E 130 37.13 10.94 11.78
CA TYR E 130 37.19 10.63 13.21
C TYR E 130 35.88 10.02 13.76
N ARG E 131 34.74 10.65 13.45
CA ARG E 131 33.43 10.16 13.84
C ARG E 131 33.13 8.84 13.15
N TYR E 132 33.38 8.79 11.80
CA TYR E 132 33.16 7.60 10.98
C TYR E 132 33.80 6.35 11.58
N ARG E 133 35.10 6.43 11.91
CA ARG E 133 35.89 5.34 12.46
C ARG E 133 35.47 4.97 13.93
N SER E 134 34.97 5.94 14.72
CA SER E 134 34.44 5.70 16.07
C SER E 134 33.13 4.90 15.97
N VAL E 135 32.25 5.29 15.02
CA VAL E 135 30.96 4.67 14.71
C VAL E 135 31.17 3.22 14.19
N ILE E 136 32.11 2.99 13.23
CA ILE E 136 32.46 1.63 12.72
C ILE E 136 32.91 0.70 13.88
N LYS E 137 33.76 1.20 14.80
CA LYS E 137 34.28 0.48 15.96
C LYS E 137 33.12 0.12 16.94
N ALA E 138 32.31 1.13 17.37
CA ALA E 138 31.20 0.98 18.31
C ALA E 138 30.06 0.09 17.83
N CYS E 139 29.84 0.04 16.49
CA CYS E 139 28.81 -0.76 15.83
C CYS E 139 29.32 -2.10 15.32
N GLN E 140 30.42 -2.60 15.92
CA GLN E 140 31.11 -3.86 15.61
C GLN E 140 31.10 -4.19 14.11
N LEU E 141 31.56 -3.23 13.29
CA LEU E 141 31.66 -3.33 11.82
C LEU E 141 33.10 -3.35 11.29
N GLU E 142 34.11 -3.13 12.16
CA GLU E 142 35.54 -3.07 11.83
C GLU E 142 36.05 -4.32 11.15
N GLU E 143 35.65 -5.49 11.67
CA GLU E 143 36.04 -6.79 11.16
C GLU E 143 35.36 -7.14 9.86
N ASP E 144 34.04 -6.90 9.76
CA ASP E 144 33.24 -7.16 8.56
C ASP E 144 33.74 -6.41 7.34
N ILE E 145 33.99 -5.08 7.45
CA ILE E 145 34.47 -4.19 6.37
C ILE E 145 35.85 -4.64 5.86
N SER E 146 36.81 -4.85 6.77
CA SER E 146 38.18 -5.27 6.45
C SER E 146 38.25 -6.58 5.64
N LYS E 147 37.29 -7.50 5.85
CA LYS E 147 37.20 -8.76 5.13
C LYS E 147 36.71 -8.62 3.68
N PHE E 148 36.29 -7.41 3.26
CA PHE E 148 35.87 -7.15 1.89
C PHE E 148 37.06 -6.58 1.15
N PRO E 149 37.35 -7.03 -0.09
CA PRO E 149 38.52 -6.48 -0.81
C PRO E 149 38.47 -4.97 -1.07
N GLU E 150 37.28 -4.41 -1.19
CA GLU E 150 37.10 -3.00 -1.43
C GLU E 150 36.73 -2.22 -0.19
N LYS E 151 36.70 -2.94 0.90
CA LYS E 151 36.44 -2.43 2.25
C LYS E 151 35.16 -1.54 2.28
N ASP E 152 35.25 -0.33 2.84
CA ASP E 152 34.16 0.66 2.95
C ASP E 152 33.55 1.00 1.58
N ASN E 153 34.32 0.82 0.49
CA ASN E 153 33.90 1.16 -0.86
C ASN E 153 33.18 0.03 -1.59
N THR E 154 32.74 -1.03 -0.84
CA THR E 154 31.99 -2.17 -1.32
C THR E 154 30.60 -1.66 -1.72
N VAL E 155 30.08 -2.10 -2.86
CA VAL E 155 28.79 -1.63 -3.36
C VAL E 155 27.65 -2.60 -2.99
N LEU E 156 26.56 -2.02 -2.45
CA LEU E 156 25.34 -2.67 -1.98
C LEU E 156 24.12 -2.32 -2.87
N GLY E 157 23.10 -3.17 -2.81
CA GLY E 157 21.79 -3.00 -3.44
C GLY E 157 21.68 -2.91 -4.96
N GLU E 158 22.66 -3.44 -5.70
CA GLU E 158 22.62 -3.37 -7.17
C GLU E 158 22.75 -4.77 -7.84
N GLY E 159 22.35 -5.80 -7.10
CA GLY E 159 22.43 -7.20 -7.52
C GLY E 159 23.76 -7.87 -7.21
N GLY E 160 24.74 -7.07 -6.74
CA GLY E 160 26.08 -7.49 -6.38
C GLY E 160 26.21 -8.18 -5.04
N ILE E 161 26.86 -7.50 -4.06
CA ILE E 161 27.04 -8.10 -2.73
C ILE E 161 25.76 -7.98 -1.88
N THR E 162 25.36 -9.13 -1.28
CA THR E 162 24.21 -9.25 -0.39
C THR E 162 24.74 -9.59 1.00
N LEU E 163 24.59 -8.64 1.93
CA LEU E 163 25.03 -8.78 3.32
C LEU E 163 24.02 -9.60 4.09
N SER E 164 24.44 -10.08 5.29
CA SER E 164 23.59 -10.80 6.24
C SER E 164 22.66 -9.80 6.93
N GLY E 165 21.61 -10.30 7.58
CA GLY E 165 20.65 -9.48 8.30
C GLY E 165 21.28 -8.70 9.44
N GLY E 166 22.31 -9.29 10.02
CA GLY E 166 23.10 -8.74 11.11
C GLY E 166 24.04 -7.64 10.66
N GLN E 167 24.66 -7.81 9.50
CA GLN E 167 25.55 -6.82 8.90
C GLN E 167 24.75 -5.58 8.52
N ARG E 168 23.59 -5.79 7.84
CA ARG E 168 22.62 -4.77 7.39
C ARG E 168 22.09 -3.98 8.59
N ALA E 169 21.85 -4.66 9.71
CA ALA E 169 21.39 -4.12 10.99
C ALA E 169 22.45 -3.21 11.61
N ARG E 170 23.73 -3.60 11.48
CA ARG E 170 24.87 -2.85 12.00
C ARG E 170 25.18 -1.62 11.16
N ILE E 171 24.88 -1.69 9.89
CA ILE E 171 25.07 -0.58 8.97
C ILE E 171 23.95 0.46 9.16
N SER E 172 22.76 -0.02 9.43
CA SER E 172 21.56 0.76 9.69
C SER E 172 21.73 1.57 10.98
N LEU E 173 22.33 0.92 12.01
CA LEU E 173 22.63 1.54 13.30
C LEU E 173 23.77 2.54 13.18
N ALA E 174 24.82 2.23 12.41
CA ALA E 174 25.94 3.13 12.15
C ALA E 174 25.47 4.43 11.46
N ARG E 175 24.54 4.30 10.51
CA ARG E 175 23.96 5.45 9.83
C ARG E 175 23.22 6.30 10.85
N ALA E 176 22.46 5.66 11.76
CA ALA E 176 21.70 6.34 12.81
C ALA E 176 22.57 7.02 13.84
N VAL E 177 23.72 6.46 14.22
CA VAL E 177 24.53 7.09 15.24
C VAL E 177 25.51 8.09 14.65
N TYR E 178 25.87 7.93 13.36
CA TYR E 178 26.76 8.86 12.65
C TYR E 178 26.10 10.22 12.48
N LYS E 179 24.79 10.24 12.14
CA LYS E 179 23.97 11.47 11.96
C LYS E 179 23.94 12.36 13.19
N ASP E 180 24.09 13.66 12.96
CA ASP E 180 24.02 14.70 13.98
C ASP E 180 22.52 15.09 14.04
N ALA E 181 21.81 14.52 15.03
CA ALA E 181 20.38 14.75 15.21
C ALA E 181 20.05 15.15 16.64
N ASP E 182 18.85 15.69 16.85
CA ASP E 182 18.34 16.10 18.17
C ASP E 182 17.79 14.89 18.95
N LEU E 183 17.22 13.91 18.21
CA LEU E 183 16.58 12.72 18.74
C LEU E 183 16.93 11.49 17.92
N TYR E 184 17.36 10.43 18.61
CA TYR E 184 17.75 9.15 18.02
C TYR E 184 16.72 8.10 18.37
N LEU E 185 16.05 7.58 17.34
CA LEU E 185 15.02 6.54 17.46
C LEU E 185 15.54 5.25 16.90
N LEU E 186 15.85 4.31 17.80
CA LEU E 186 16.41 3.03 17.44
C LEU E 186 15.39 1.94 17.71
N ASP E 187 14.66 1.53 16.67
CA ASP E 187 13.60 0.52 16.79
C ASP E 187 14.19 -0.88 16.73
N SER E 188 14.24 -1.60 17.87
CA SER E 188 14.81 -2.96 17.99
C SER E 188 16.07 -3.16 17.08
N PRO E 189 17.19 -2.45 17.34
CA PRO E 189 18.34 -2.58 16.44
C PRO E 189 19.14 -3.88 16.57
N PHE E 190 18.91 -4.59 17.68
CA PHE E 190 19.63 -5.82 18.00
C PHE E 190 18.86 -7.14 17.73
N GLY E 191 17.65 -7.05 17.16
CA GLY E 191 16.74 -8.17 16.87
C GLY E 191 17.26 -9.22 15.92
N TYR E 192 18.20 -8.86 15.05
CA TYR E 192 18.78 -9.82 14.10
C TYR E 192 20.25 -10.14 14.44
N LEU E 193 20.67 -9.75 15.67
CA LEU E 193 22.02 -9.99 16.24
C LEU E 193 21.95 -11.02 17.36
N ASP E 194 23.11 -11.67 17.64
CA ASP E 194 23.30 -12.63 18.72
C ASP E 194 23.50 -11.84 20.03
N VAL E 195 23.34 -12.53 21.17
CA VAL E 195 23.37 -11.99 22.51
C VAL E 195 24.73 -11.35 22.90
N LEU E 196 25.84 -11.87 22.34
CA LEU E 196 27.20 -11.39 22.61
C LEU E 196 27.49 -10.08 21.86
N THR E 197 27.16 -10.04 20.56
CA THR E 197 27.28 -8.88 19.69
C THR E 197 26.36 -7.75 20.20
N GLU E 198 25.12 -8.12 20.58
CA GLU E 198 24.15 -7.18 21.13
C GLU E 198 24.72 -6.45 22.37
N LYS E 199 25.33 -7.21 23.32
CA LYS E 199 25.91 -6.67 24.56
C LYS E 199 27.05 -5.70 24.27
N GLU E 200 27.92 -6.06 23.31
CA GLU E 200 29.04 -5.23 22.87
C GLU E 200 28.55 -3.92 22.25
N ILE E 201 27.57 -3.97 21.29
CA ILE E 201 27.03 -2.76 20.67
C ILE E 201 26.23 -1.91 21.68
N PHE E 202 25.34 -2.52 22.48
CA PHE E 202 24.63 -1.81 23.54
C PHE E 202 25.55 -0.98 24.45
N GLU E 203 26.65 -1.57 24.94
CA GLU E 203 27.61 -0.92 25.83
C GLU E 203 28.50 0.11 25.15
N SER E 204 29.16 -0.26 24.05
CA SER E 204 30.08 0.64 23.36
C SER E 204 29.42 1.78 22.57
N CYS E 205 28.24 1.54 22.01
CA CYS E 205 27.53 2.48 21.17
C CYS E 205 26.42 3.29 21.89
N VAL E 206 25.33 2.61 22.31
CA VAL E 206 24.13 3.20 22.94
C VAL E 206 24.41 3.86 24.29
N CYS E 207 25.36 3.28 25.04
CA CYS E 207 25.73 3.74 26.36
C CYS E 207 26.93 4.66 26.38
N LYS E 208 28.03 4.30 25.71
CA LYS E 208 29.27 5.09 25.74
C LYS E 208 29.31 6.20 24.69
N LEU E 209 29.38 5.87 23.41
CA LEU E 209 29.47 6.83 22.31
C LEU E 209 28.32 7.84 22.35
N MET E 210 27.09 7.33 22.54
CA MET E 210 25.87 8.15 22.56
C MET E 210 25.46 8.63 23.97
N ALA E 211 26.38 8.59 24.96
CA ALA E 211 26.14 8.95 26.37
C ALA E 211 25.35 10.24 26.65
N ASN E 212 25.51 11.31 25.83
CA ASN E 212 24.75 12.55 26.13
C ASN E 212 23.81 12.99 24.98
N LYS E 213 23.39 12.01 24.17
CA LYS E 213 22.45 12.18 23.07
C LYS E 213 21.06 11.80 23.60
N THR E 214 20.00 12.37 23.01
CA THR E 214 18.62 12.04 23.39
C THR E 214 18.22 10.80 22.58
N ARG E 215 18.16 9.63 23.25
CA ARG E 215 17.92 8.31 22.65
C ARG E 215 16.64 7.69 23.14
N ILE E 216 15.94 7.06 22.20
CA ILE E 216 14.77 6.24 22.47
C ILE E 216 15.14 4.91 21.86
N LEU E 217 15.40 3.90 22.71
CA LEU E 217 15.74 2.55 22.31
C LEU E 217 14.55 1.63 22.57
N VAL E 218 14.03 0.94 21.53
CA VAL E 218 12.96 -0.03 21.66
C VAL E 218 13.63 -1.36 22.06
N THR E 219 13.45 -1.76 23.33
CA THR E 219 14.03 -2.95 23.95
C THR E 219 13.20 -3.41 25.15
N SER E 220 13.11 -4.72 25.37
CA SER E 220 12.37 -5.30 26.50
C SER E 220 13.33 -6.08 27.42
N LYS E 221 14.66 -5.95 27.16
CA LYS E 221 15.69 -6.63 27.93
C LYS E 221 15.96 -5.92 29.24
N MET E 222 15.73 -6.64 30.36
CA MET E 222 15.93 -6.11 31.71
C MET E 222 17.35 -5.58 31.95
N GLU E 223 18.32 -6.15 31.22
CA GLU E 223 19.74 -5.84 31.23
C GLU E 223 19.96 -4.42 30.71
N HIS E 224 19.13 -4.06 29.73
CA HIS E 224 19.13 -2.79 29.03
C HIS E 224 18.42 -1.76 29.82
N LEU E 225 17.23 -2.11 30.35
CA LEU E 225 16.31 -1.30 31.16
C LEU E 225 16.97 -0.76 32.43
N LYS E 226 17.91 -1.54 32.98
CA LYS E 226 18.75 -1.27 34.14
C LYS E 226 19.65 -0.06 33.89
N LYS E 227 20.03 0.16 32.60
CA LYS E 227 20.96 1.19 32.13
C LYS E 227 20.26 2.40 31.53
N ALA E 228 18.92 2.31 31.39
CA ALA E 228 18.08 3.39 30.87
C ALA E 228 17.80 4.39 32.00
N ASP E 229 17.62 5.66 31.62
CA ASP E 229 17.33 6.77 32.55
C ASP E 229 15.84 6.75 32.91
N LYS E 230 14.99 6.37 31.95
CA LYS E 230 13.54 6.19 32.03
C LYS E 230 13.12 5.00 31.15
N ILE E 231 12.02 4.34 31.55
CA ILE E 231 11.45 3.17 30.87
C ILE E 231 9.99 3.43 30.62
N LEU E 232 9.51 3.04 29.45
CA LEU E 232 8.10 3.09 29.11
C LEU E 232 7.68 1.70 28.71
N ILE E 233 6.81 1.08 29.49
CA ILE E 233 6.29 -0.25 29.14
C ILE E 233 4.93 -0.09 28.53
N LEU E 234 4.75 -0.66 27.34
CA LEU E 234 3.46 -0.61 26.64
C LEU E 234 2.77 -1.95 26.67
N HIS E 235 1.48 -1.88 26.61
CA HIS E 235 0.63 -3.04 26.50
C HIS E 235 -0.52 -2.68 25.61
N GLU E 236 -0.65 -3.37 24.47
CA GLU E 236 -1.71 -3.20 23.47
C GLU E 236 -2.02 -1.75 23.11
N GLY E 237 -0.97 -0.99 22.78
CA GLY E 237 -1.06 0.42 22.40
C GLY E 237 -1.22 1.43 23.53
N SER E 238 -1.25 0.95 24.79
CA SER E 238 -1.39 1.80 25.97
C SER E 238 -0.20 1.66 26.90
N SER E 239 0.11 2.70 27.67
CA SER E 239 1.19 2.69 28.65
C SER E 239 0.78 1.87 29.88
N TYR E 240 1.68 1.05 30.40
CA TYR E 240 1.45 0.31 31.64
C TYR E 240 2.29 1.01 32.74
N PHE E 241 3.55 1.31 32.41
CA PHE E 241 4.50 1.92 33.31
C PHE E 241 5.32 2.95 32.58
N TYR E 242 5.65 4.02 33.31
CA TYR E 242 6.58 5.06 32.92
C TYR E 242 7.31 5.51 34.17
N GLY E 243 8.64 5.35 34.15
CA GLY E 243 9.49 5.72 35.27
C GLY E 243 10.86 5.08 35.21
N THR E 244 11.56 5.11 36.34
CA THR E 244 12.91 4.60 36.50
C THR E 244 12.94 3.08 36.71
N PHE E 245 14.13 2.48 36.65
CA PHE E 245 14.33 1.06 36.90
C PHE E 245 14.03 0.70 38.36
N SER E 246 14.36 1.62 39.30
CA SER E 246 14.08 1.50 40.74
C SER E 246 12.57 1.40 40.99
N GLU E 247 11.81 2.30 40.33
CA GLU E 247 10.36 2.40 40.36
C GLU E 247 9.70 1.14 39.80
N LEU E 248 10.30 0.53 38.74
CA LEU E 248 9.88 -0.71 38.06
C LEU E 248 10.14 -1.93 38.97
N GLN E 249 11.30 -1.93 39.67
CA GLN E 249 11.76 -2.99 40.57
C GLN E 249 10.76 -3.32 41.67
N ASN E 250 9.97 -2.36 42.20
CA ASN E 250 8.98 -2.70 43.24
C ASN E 250 7.95 -3.69 42.72
N LEU E 251 7.44 -3.45 41.52
CA LEU E 251 6.48 -4.35 40.91
C LEU E 251 7.14 -5.61 40.31
N GLN E 252 6.62 -6.76 40.66
CA GLN E 252 7.09 -8.09 40.21
C GLN E 252 8.54 -8.37 40.63
N GLN F 1 12.40 -20.28 39.77
CA GLN F 1 13.77 -20.08 39.30
C GLN F 1 13.92 -20.68 37.88
N VAL F 2 14.32 -19.87 36.88
CA VAL F 2 14.53 -20.37 35.52
C VAL F 2 15.86 -21.11 35.51
N GLN F 3 15.87 -22.33 34.90
CA GLN F 3 17.08 -23.15 34.77
C GLN F 3 17.17 -23.78 33.39
N LEU F 4 18.38 -23.72 32.77
CA LEU F 4 18.71 -24.34 31.48
C LEU F 4 19.71 -25.48 31.72
N GLN F 5 19.47 -26.64 31.09
CA GLN F 5 20.35 -27.80 31.24
C GLN F 5 20.68 -28.46 29.90
N GLU F 6 21.95 -28.34 29.48
CA GLU F 6 22.45 -28.99 28.26
C GLU F 6 22.81 -30.45 28.51
N SER F 7 22.63 -31.25 27.47
CA SER F 7 22.95 -32.67 27.42
C SER F 7 23.32 -33.02 25.97
N GLY F 8 23.90 -34.20 25.79
CA GLY F 8 24.24 -34.72 24.47
C GLY F 8 25.67 -34.59 24.06
N GLY F 9 26.47 -33.89 24.87
CA GLY F 9 27.88 -33.69 24.61
C GLY F 9 28.69 -34.96 24.86
N GLY F 10 29.87 -35.02 24.25
CA GLY F 10 30.76 -36.16 24.42
C GLY F 10 31.95 -36.19 23.50
N LEU F 11 32.67 -37.30 23.55
CA LEU F 11 33.84 -37.51 22.70
C LEU F 11 33.39 -38.11 21.38
N GLU F 12 33.88 -37.52 20.29
CA GLU F 12 33.56 -37.93 18.94
C GLU F 12 34.83 -37.88 18.08
N GLN F 13 34.84 -38.67 17.01
CA GLN F 13 35.97 -38.74 16.10
C GLN F 13 35.70 -37.79 14.94
N PRO F 14 36.74 -37.23 14.26
CA PRO F 14 36.47 -36.37 13.10
C PRO F 14 35.51 -37.03 12.08
N GLY F 15 34.53 -36.27 11.65
CA GLY F 15 33.49 -36.73 10.74
C GLY F 15 32.26 -37.28 11.45
N GLY F 16 32.33 -37.36 12.78
CA GLY F 16 31.26 -37.83 13.63
C GLY F 16 30.09 -36.87 13.77
N SER F 17 29.01 -37.37 14.38
CA SER F 17 27.75 -36.65 14.58
C SER F 17 27.38 -36.65 16.07
N LEU F 18 26.68 -35.61 16.47
CA LEU F 18 26.27 -35.42 17.83
C LEU F 18 25.02 -34.57 17.87
N ARG F 19 24.20 -34.78 18.87
CA ARG F 19 22.98 -33.99 19.03
C ARG F 19 22.91 -33.41 20.42
N LEU F 20 23.03 -32.08 20.52
CA LEU F 20 22.94 -31.36 21.79
C LEU F 20 21.50 -30.96 22.02
N SER F 21 21.02 -31.16 23.24
CA SER F 21 19.68 -30.84 23.73
C SER F 21 19.82 -29.86 24.88
N CYS F 22 18.82 -29.01 25.04
CA CYS F 22 18.81 -28.06 26.13
C CYS F 22 17.42 -27.98 26.69
N ALA F 23 17.23 -28.52 27.90
CA ALA F 23 15.95 -28.47 28.59
C ALA F 23 15.84 -27.25 29.48
N THR F 24 14.62 -26.74 29.63
CA THR F 24 14.36 -25.61 30.52
C THR F 24 13.32 -26.00 31.58
N SER F 25 13.37 -25.30 32.72
CA SER F 25 12.45 -25.47 33.85
C SER F 25 12.23 -24.11 34.52
N GLY F 26 11.04 -23.94 35.10
CA GLY F 26 10.65 -22.71 35.77
C GLY F 26 10.25 -21.55 34.86
N VAL F 27 9.83 -21.87 33.61
CA VAL F 27 9.40 -20.87 32.63
C VAL F 27 7.90 -20.63 32.76
N ILE F 28 7.56 -19.45 33.29
CA ILE F 28 6.18 -19.00 33.54
C ILE F 28 5.51 -18.41 32.29
N PHE F 29 6.26 -17.60 31.53
CA PHE F 29 5.70 -16.86 30.38
C PHE F 29 6.12 -17.31 29.02
N GLY F 30 7.30 -17.89 28.90
CA GLY F 30 7.80 -18.35 27.61
C GLY F 30 9.21 -17.88 27.31
N ILE F 31 9.69 -18.29 26.15
CA ILE F 31 11.01 -17.98 25.70
C ILE F 31 10.99 -17.40 24.31
N ASN F 32 11.89 -16.51 24.06
CA ASN F 32 12.14 -15.85 22.78
C ASN F 32 13.62 -16.09 22.50
N ALA F 33 14.04 -16.18 21.26
CA ALA F 33 15.49 -16.29 21.01
C ALA F 33 16.37 -17.33 21.71
N MET F 34 16.15 -18.60 21.47
CA MET F 34 17.00 -19.61 22.07
C MET F 34 18.24 -19.87 21.22
N GLY F 35 19.39 -20.09 21.84
CA GLY F 35 20.61 -20.28 21.07
C GLY F 35 21.76 -21.10 21.58
N TRP F 36 22.72 -21.35 20.70
CA TRP F 36 23.90 -22.11 21.01
C TRP F 36 25.19 -21.31 20.82
N TYR F 37 26.05 -21.35 21.83
CA TYR F 37 27.31 -20.65 21.90
C TYR F 37 28.38 -21.65 22.35
N ARG F 38 29.64 -21.31 22.15
CA ARG F 38 30.73 -22.19 22.57
C ARG F 38 31.96 -21.41 22.95
N GLN F 39 32.75 -22.02 23.82
CA GLN F 39 34.06 -21.49 24.08
C GLN F 39 35.02 -22.64 24.06
N ALA F 40 35.99 -22.51 23.15
CA ALA F 40 37.15 -23.37 22.93
C ALA F 40 38.14 -23.02 24.04
N PRO F 41 39.03 -23.94 24.50
CA PRO F 41 39.95 -23.58 25.61
C PRO F 41 40.83 -22.38 25.29
N GLY F 42 40.89 -21.44 26.23
CA GLY F 42 41.66 -20.20 26.10
C GLY F 42 41.17 -19.27 25.00
N LYS F 43 39.88 -19.41 24.63
CA LYS F 43 39.25 -18.58 23.61
C LYS F 43 38.00 -17.89 24.21
N GLN F 44 37.57 -16.80 23.58
CA GLN F 44 36.39 -16.04 24.00
C GLN F 44 35.14 -16.71 23.42
N ARG F 45 34.03 -16.74 24.22
CA ARG F 45 32.73 -17.31 23.84
C ARG F 45 32.25 -16.73 22.52
N GLU F 46 31.75 -17.60 21.65
CA GLU F 46 31.28 -17.25 20.31
C GLU F 46 29.97 -17.95 19.95
N LEU F 47 29.23 -17.32 19.06
CA LEU F 47 28.00 -17.88 18.52
C LEU F 47 28.29 -19.15 17.69
N VAL F 48 27.37 -20.12 17.75
CA VAL F 48 27.39 -21.32 16.93
C VAL F 48 26.19 -21.20 16.00
N ALA F 49 24.99 -21.17 16.59
CA ALA F 49 23.68 -21.05 15.94
C ALA F 49 22.68 -20.52 16.93
N THR F 50 21.84 -19.59 16.48
CA THR F 50 20.77 -19.05 17.31
C THR F 50 19.52 -18.71 16.50
N PHE F 51 18.38 -18.70 17.18
CA PHE F 51 17.12 -18.19 16.69
C PHE F 51 17.18 -16.74 17.18
N THR F 52 16.88 -15.79 16.30
CA THR F 52 16.92 -14.40 16.68
C THR F 52 15.56 -13.98 17.26
N SER F 53 15.50 -12.78 17.86
CA SER F 53 14.27 -12.17 18.39
C SER F 53 13.22 -12.04 17.27
N GLY F 54 13.70 -11.85 16.02
CA GLY F 54 12.89 -11.74 14.82
C GLY F 54 12.44 -13.06 14.23
N GLY F 55 12.60 -14.16 14.98
CA GLY F 55 12.17 -15.51 14.60
C GLY F 55 13.01 -16.25 13.57
N SER F 56 13.96 -15.54 12.93
CA SER F 56 14.88 -16.07 11.94
C SER F 56 16.03 -16.83 12.62
N THR F 57 16.87 -17.52 11.83
CA THR F 57 18.02 -18.30 12.29
C THR F 57 19.31 -17.66 11.81
N ASN F 58 20.30 -17.58 12.71
CA ASN F 58 21.62 -17.03 12.43
C ASN F 58 22.71 -18.04 12.83
N TYR F 59 23.49 -18.53 11.84
CA TYR F 59 24.62 -19.45 12.05
C TYR F 59 25.95 -18.74 11.92
N ALA F 60 26.95 -19.19 12.69
CA ALA F 60 28.31 -18.69 12.61
C ALA F 60 28.95 -19.14 11.28
N ASP F 61 29.94 -18.40 10.80
CA ASP F 61 30.64 -18.62 9.52
C ASP F 61 31.26 -20.03 9.38
N PHE F 62 31.76 -20.57 10.50
CA PHE F 62 32.42 -21.87 10.61
C PHE F 62 31.50 -23.09 10.53
N VAL F 63 30.20 -22.92 10.61
CA VAL F 63 29.27 -24.02 10.61
C VAL F 63 29.16 -24.69 9.26
N GLU F 64 29.24 -23.90 8.23
CA GLU F 64 29.22 -24.26 6.81
C GLU F 64 28.22 -25.38 6.45
N GLY F 65 26.97 -25.21 6.87
CA GLY F 65 25.89 -26.17 6.64
C GLY F 65 25.90 -27.46 7.45
N ARG F 66 26.95 -27.68 8.26
CA ARG F 66 27.11 -28.92 9.04
C ARG F 66 26.15 -29.07 10.22
N PHE F 67 25.82 -27.94 10.88
CA PHE F 67 24.97 -27.94 12.06
C PHE F 67 23.59 -27.39 11.77
N THR F 68 22.58 -27.84 12.56
CA THR F 68 21.18 -27.37 12.48
C THR F 68 20.63 -27.08 13.85
N ILE F 69 20.04 -25.89 14.03
CA ILE F 69 19.33 -25.50 15.25
C ILE F 69 17.80 -25.75 15.07
N SER F 70 17.21 -26.49 15.99
CA SER F 70 15.80 -26.86 16.04
C SER F 70 15.25 -26.38 17.39
N ARG F 71 13.93 -26.29 17.50
CA ARG F 71 13.28 -25.77 18.70
C ARG F 71 11.96 -26.46 18.93
N ASP F 72 11.62 -26.76 20.18
CA ASP F 72 10.31 -27.31 20.52
C ASP F 72 9.63 -26.30 21.42
N ASN F 73 8.72 -25.49 20.86
CA ASN F 73 8.00 -24.43 21.57
C ASN F 73 7.11 -24.92 22.72
N ALA F 74 6.51 -26.10 22.56
CA ALA F 74 5.67 -26.74 23.57
C ALA F 74 6.46 -27.22 24.79
N LYS F 75 7.70 -27.65 24.59
CA LYS F 75 8.54 -28.12 25.68
C LYS F 75 9.52 -27.09 26.17
N ASN F 76 9.71 -26.05 25.39
CA ASN F 76 10.68 -24.95 25.64
C ASN F 76 12.10 -25.45 25.63
N THR F 77 12.44 -26.21 24.58
CA THR F 77 13.74 -26.86 24.36
C THR F 77 14.39 -26.33 23.05
N VAL F 78 15.72 -26.38 22.98
CA VAL F 78 16.49 -26.00 21.79
C VAL F 78 17.50 -27.16 21.53
N TYR F 79 17.80 -27.41 20.26
CA TYR F 79 18.65 -28.50 19.86
C TYR F 79 19.65 -28.06 18.88
N LEU F 80 20.75 -28.82 18.80
CA LEU F 80 21.83 -28.60 17.85
C LEU F 80 22.24 -29.94 17.33
N GLN F 81 21.90 -30.18 16.07
CA GLN F 81 22.29 -31.37 15.34
C GLN F 81 23.60 -31.00 14.71
N MET F 82 24.65 -31.75 15.05
CA MET F 82 26.02 -31.54 14.56
C MET F 82 26.43 -32.72 13.70
N ASN F 83 27.03 -32.44 12.55
CA ASN F 83 27.55 -33.44 11.61
C ASN F 83 28.90 -32.93 11.15
N GLY F 84 29.69 -33.81 10.53
CA GLY F 84 31.00 -33.50 9.99
C GLY F 84 31.87 -32.80 11.00
N LEU F 85 31.88 -33.33 12.24
CA LEU F 85 32.64 -32.78 13.37
C LEU F 85 34.16 -32.73 13.10
N ARG F 86 34.76 -31.56 13.33
CA ARG F 86 36.19 -31.29 13.08
C ARG F 86 36.91 -31.10 14.42
N PRO F 87 38.23 -31.35 14.51
CA PRO F 87 38.95 -31.10 15.79
C PRO F 87 38.77 -29.67 16.36
N GLU F 88 38.59 -28.68 15.47
CA GLU F 88 38.34 -27.25 15.76
C GLU F 88 37.02 -27.01 16.50
N ASP F 89 36.08 -27.98 16.42
CA ASP F 89 34.77 -27.91 17.06
C ASP F 89 34.82 -28.23 18.55
N THR F 90 35.98 -28.65 19.05
CA THR F 90 36.17 -28.97 20.47
C THR F 90 36.00 -27.67 21.26
N ALA F 91 35.04 -27.70 22.18
CA ALA F 91 34.66 -26.56 23.01
C ALA F 91 33.60 -27.01 24.01
N VAL F 92 33.34 -26.15 25.00
CA VAL F 92 32.24 -26.29 25.95
C VAL F 92 31.12 -25.50 25.24
N TYR F 93 30.03 -26.20 24.95
CA TYR F 93 28.87 -25.69 24.24
C TYR F 93 27.81 -25.26 25.22
N TYR F 94 27.45 -23.99 25.15
CA TYR F 94 26.48 -23.39 26.04
C TYR F 94 25.19 -23.07 25.35
N CYS F 95 24.14 -23.29 26.10
CA CYS F 95 22.76 -23.02 25.75
C CYS F 95 22.39 -21.63 26.28
N HIS F 96 21.64 -20.89 25.47
CA HIS F 96 21.18 -19.57 25.86
C HIS F 96 19.70 -19.40 25.56
N ALA F 97 18.99 -18.67 26.44
CA ALA F 97 17.58 -18.36 26.26
C ALA F 97 17.25 -16.96 26.78
N THR F 98 16.51 -16.18 25.98
CA THR F 98 15.97 -14.86 26.36
C THR F 98 14.59 -15.23 26.88
N VAL F 99 14.45 -15.30 28.19
CA VAL F 99 13.20 -15.74 28.83
C VAL F 99 12.31 -14.55 29.16
N VAL F 100 10.99 -14.65 28.82
CA VAL F 100 9.98 -13.66 29.17
C VAL F 100 9.68 -13.91 30.65
N VAL F 101 10.00 -12.93 31.46
CA VAL F 101 9.85 -12.99 32.91
C VAL F 101 8.77 -12.12 33.48
N SER F 102 8.01 -11.49 32.62
CA SER F 102 6.92 -10.61 32.99
C SER F 102 5.70 -10.81 32.09
N ARG F 103 4.54 -10.33 32.53
CA ARG F 103 3.31 -10.39 31.74
C ARG F 103 3.28 -9.28 30.64
N TYR F 104 4.25 -8.35 30.66
CA TYR F 104 4.42 -7.24 29.72
C TYR F 104 5.52 -7.48 28.70
N GLY F 105 6.09 -8.69 28.71
CA GLY F 105 7.13 -9.10 27.77
C GLY F 105 8.57 -8.72 28.09
N LEU F 106 8.83 -8.39 29.36
CA LEU F 106 10.17 -8.06 29.85
C LEU F 106 10.94 -9.34 29.94
N THR F 107 12.22 -9.31 29.53
CA THR F 107 13.05 -10.51 29.44
C THR F 107 14.34 -10.45 30.25
N TYR F 108 14.90 -11.66 30.56
CA TYR F 108 16.20 -11.88 31.19
C TYR F 108 16.87 -12.98 30.38
N ASP F 109 18.19 -12.85 30.14
CA ASP F 109 19.01 -13.82 29.39
C ASP F 109 19.59 -14.84 30.36
N TYR F 110 19.36 -16.12 30.07
CA TYR F 110 19.80 -17.25 30.89
C TYR F 110 20.72 -18.13 30.10
N TRP F 111 21.71 -18.69 30.79
CA TRP F 111 22.73 -19.56 30.24
C TRP F 111 22.74 -20.88 30.98
N GLY F 112 23.10 -21.95 30.28
CA GLY F 112 23.27 -23.24 30.91
C GLY F 112 24.68 -23.35 31.46
N GLN F 113 25.00 -24.49 32.10
CA GLN F 113 26.34 -24.77 32.64
C GLN F 113 27.36 -25.13 31.54
N GLY F 114 26.87 -25.66 30.44
CA GLY F 114 27.69 -26.07 29.31
C GLY F 114 27.84 -27.58 29.23
N THR F 115 28.07 -28.13 28.01
CA THR F 115 28.30 -29.57 27.80
C THR F 115 29.59 -29.69 26.98
N GLN F 116 30.53 -30.53 27.42
CA GLN F 116 31.81 -30.67 26.70
C GLN F 116 31.64 -31.50 25.41
N VAL F 117 32.14 -30.93 24.31
CA VAL F 117 32.18 -31.59 23.01
C VAL F 117 33.67 -31.70 22.66
N THR F 118 34.18 -32.94 22.56
CA THR F 118 35.58 -33.20 22.23
C THR F 118 35.66 -33.96 20.91
N VAL F 119 36.32 -33.37 19.91
CA VAL F 119 36.50 -34.02 18.60
C VAL F 119 37.99 -34.37 18.46
N SER F 120 38.32 -35.67 18.51
CA SER F 120 39.72 -36.10 18.43
C SER F 120 39.94 -37.43 17.71
N SER F 121 41.01 -37.47 16.90
CA SER F 121 41.46 -38.63 16.10
C SER F 121 42.45 -39.47 16.91
N ASP G 58 40.30 -39.91 -24.23
CA ASP G 58 40.69 -40.34 -22.89
C ASP G 58 39.64 -41.32 -22.34
N ILE G 59 38.34 -40.98 -22.54
CA ILE G 59 37.17 -41.78 -22.13
C ILE G 59 36.54 -42.41 -23.39
N ASN G 60 36.38 -43.76 -23.40
CA ASN G 60 35.77 -44.44 -24.55
C ASN G 60 34.24 -44.48 -24.41
N PHE G 61 33.57 -43.66 -25.23
CA PHE G 61 32.14 -43.44 -25.32
C PHE G 61 31.78 -42.69 -26.61
N LYS G 62 30.51 -42.76 -27.00
CA LYS G 62 29.99 -42.10 -28.19
C LYS G 62 28.81 -41.21 -27.79
N ILE G 63 28.50 -40.22 -28.64
CA ILE G 63 27.32 -39.37 -28.48
C ILE G 63 26.46 -39.66 -29.70
N GLU G 64 25.42 -40.49 -29.52
CA GLU G 64 24.52 -40.89 -30.61
C GLU G 64 23.41 -39.89 -30.82
N ARG G 65 23.18 -39.51 -32.09
CA ARG G 65 22.16 -38.55 -32.50
C ARG G 65 20.78 -38.98 -32.08
N GLY G 66 20.08 -38.06 -31.41
CA GLY G 66 18.72 -38.25 -30.93
C GLY G 66 18.57 -39.03 -29.65
N GLN G 67 19.68 -39.52 -29.11
CA GLN G 67 19.68 -40.34 -27.89
C GLN G 67 20.02 -39.61 -26.57
N LEU G 68 19.59 -40.23 -25.47
CA LEU G 68 19.84 -39.78 -24.10
C LEU G 68 21.02 -40.57 -23.54
N LEU G 69 22.11 -39.84 -23.24
CA LEU G 69 23.27 -40.41 -22.59
C LEU G 69 23.27 -39.88 -21.19
N ALA G 70 23.19 -40.79 -20.21
CA ALA G 70 23.25 -40.47 -18.80
C ALA G 70 24.69 -40.64 -18.36
N VAL G 71 25.28 -39.59 -17.72
CA VAL G 71 26.64 -39.61 -17.21
C VAL G 71 26.51 -39.69 -15.69
N ALA G 72 26.84 -40.86 -15.12
CA ALA G 72 26.73 -41.18 -13.70
C ALA G 72 28.06 -41.22 -12.98
N GLY G 73 28.03 -41.10 -11.66
CA GLY G 73 29.22 -41.15 -10.82
C GLY G 73 29.13 -40.33 -9.56
N SER G 74 30.00 -40.60 -8.59
CA SER G 74 30.04 -39.87 -7.33
C SER G 74 30.57 -38.43 -7.54
N THR G 75 30.52 -37.57 -6.50
CA THR G 75 31.08 -36.22 -6.60
C THR G 75 32.61 -36.38 -6.73
N GLY G 76 33.19 -35.64 -7.66
CA GLY G 76 34.60 -35.69 -7.99
C GLY G 76 34.94 -36.73 -9.04
N ALA G 77 33.95 -37.52 -9.53
CA ALA G 77 34.15 -38.53 -10.57
C ALA G 77 34.66 -37.98 -11.91
N GLY G 78 34.46 -36.69 -12.15
CA GLY G 78 34.89 -36.07 -13.40
C GLY G 78 33.82 -35.68 -14.38
N LYS G 79 32.56 -35.70 -13.94
CA LYS G 79 31.39 -35.39 -14.75
C LYS G 79 31.27 -33.98 -15.34
N THR G 80 31.50 -32.94 -14.57
CA THR G 80 31.52 -31.57 -15.09
C THR G 80 32.70 -31.40 -16.07
N SER G 81 33.90 -31.96 -15.71
CA SER G 81 35.09 -31.90 -16.55
C SER G 81 34.86 -32.49 -17.90
N LEU G 82 34.17 -33.66 -17.96
CA LEU G 82 33.80 -34.32 -19.21
C LEU G 82 32.94 -33.43 -20.08
N LEU G 83 31.95 -32.74 -19.50
CA LEU G 83 31.06 -31.83 -20.23
C LEU G 83 31.87 -30.72 -20.87
N MET G 84 32.85 -30.21 -20.14
CA MET G 84 33.83 -29.21 -20.59
C MET G 84 34.70 -29.77 -21.72
N MET G 85 35.06 -31.07 -21.65
CA MET G 85 35.84 -31.75 -22.71
C MET G 85 35.02 -31.88 -23.96
N ILE G 86 33.69 -32.13 -23.82
CA ILE G 86 32.77 -32.20 -24.96
C ILE G 86 32.60 -30.80 -25.62
N MET G 87 32.34 -29.76 -24.83
CA MET G 87 32.17 -28.39 -25.32
C MET G 87 33.47 -27.84 -25.92
N GLY G 88 34.61 -28.21 -25.30
CA GLY G 88 35.97 -27.89 -25.71
C GLY G 88 36.48 -28.67 -26.91
N GLU G 89 35.60 -29.54 -27.47
CA GLU G 89 35.77 -30.37 -28.67
C GLU G 89 36.88 -31.41 -28.60
N LEU G 90 37.24 -31.88 -27.39
CA LEU G 90 38.26 -32.94 -27.20
C LEU G 90 37.61 -34.30 -27.09
N GLU G 91 36.32 -34.31 -26.65
CA GLU G 91 35.50 -35.50 -26.46
C GLU G 91 34.21 -35.42 -27.26
N PRO G 92 33.70 -36.56 -27.79
CA PRO G 92 34.27 -37.92 -27.77
C PRO G 92 35.29 -38.11 -28.93
N SER G 93 36.10 -39.18 -28.90
CA SER G 93 37.11 -39.55 -29.93
C SER G 93 38.07 -38.43 -30.38
N ARG G 102 24.55 -24.89 -31.80
CA ARG G 102 25.28 -26.15 -31.66
C ARG G 102 25.16 -26.77 -30.25
N ILE G 103 25.65 -26.06 -29.22
CA ILE G 103 25.59 -26.53 -27.84
C ILE G 103 24.59 -25.71 -27.00
N SER G 104 23.72 -26.41 -26.26
CA SER G 104 22.80 -25.83 -25.31
C SER G 104 23.18 -26.37 -23.96
N PHE G 105 23.72 -25.49 -23.11
CA PHE G 105 24.23 -25.87 -21.81
C PHE G 105 23.37 -25.38 -20.66
N CYS G 106 23.17 -26.28 -19.69
CA CYS G 106 22.51 -26.01 -18.41
C CYS G 106 23.52 -26.27 -17.28
N PRO G 107 24.12 -25.21 -16.66
CA PRO G 107 25.12 -25.45 -15.59
C PRO G 107 24.54 -26.01 -14.27
N GLN G 108 25.34 -26.80 -13.48
CA GLN G 108 24.84 -27.42 -12.23
C GLN G 108 24.44 -26.42 -11.15
N PHE G 109 24.99 -25.21 -11.23
CA PHE G 109 24.64 -24.10 -10.35
C PHE G 109 23.91 -23.16 -11.29
N SER G 110 22.83 -22.54 -10.86
CA SER G 110 22.08 -21.72 -11.81
C SER G 110 22.86 -20.54 -12.42
N TRP G 111 22.32 -20.00 -13.51
CA TRP G 111 22.86 -18.83 -14.19
C TRP G 111 21.67 -17.96 -14.52
N ILE G 112 21.76 -16.68 -14.17
CA ILE G 112 20.74 -15.71 -14.55
C ILE G 112 21.44 -14.45 -15.06
N MET G 113 20.85 -13.80 -16.05
CA MET G 113 21.37 -12.54 -16.55
C MET G 113 20.40 -11.41 -16.09
N PRO G 114 20.86 -10.15 -15.91
CA PRO G 114 19.91 -9.09 -15.55
C PRO G 114 18.96 -8.89 -16.74
N GLY G 115 17.68 -9.10 -16.46
CA GLY G 115 16.63 -9.01 -17.45
C GLY G 115 15.41 -9.74 -16.95
N THR G 116 14.38 -9.78 -17.76
CA THR G 116 13.14 -10.44 -17.38
C THR G 116 13.26 -11.96 -17.34
N ILE G 117 12.23 -12.64 -16.81
CA ILE G 117 12.14 -14.11 -16.79
C ILE G 117 12.10 -14.61 -18.27
N LYS G 118 11.29 -13.97 -19.15
CA LYS G 118 11.12 -14.29 -20.58
C LYS G 118 12.45 -14.16 -21.33
N GLU G 119 13.14 -13.02 -21.15
CA GLU G 119 14.43 -12.69 -21.73
C GLU G 119 15.50 -13.73 -21.34
N ASN G 120 15.47 -14.19 -20.08
CA ASN G 120 16.38 -15.20 -19.61
C ASN G 120 16.10 -16.55 -20.22
N ILE G 121 14.83 -16.87 -20.53
CA ILE G 121 14.50 -18.16 -21.16
C ILE G 121 14.71 -18.14 -22.68
N ILE G 122 14.17 -17.12 -23.40
CA ILE G 122 14.32 -17.05 -24.87
C ILE G 122 15.78 -16.69 -25.24
N PHE G 123 16.50 -15.98 -24.37
CA PHE G 123 17.94 -15.69 -24.44
C PHE G 123 18.49 -15.39 -25.85
N GLY G 124 17.98 -14.31 -26.45
CA GLY G 124 18.45 -13.84 -27.76
C GLY G 124 17.94 -14.57 -28.97
N VAL G 125 17.20 -15.63 -28.75
CA VAL G 125 16.62 -16.42 -29.79
C VAL G 125 15.26 -15.83 -30.19
N SER G 126 14.78 -16.13 -31.40
CA SER G 126 13.45 -15.68 -31.80
C SER G 126 12.38 -16.28 -30.90
N TYR G 127 11.38 -15.44 -30.53
CA TYR G 127 10.27 -15.85 -29.69
C TYR G 127 9.23 -16.63 -30.53
N ASP G 128 8.86 -17.82 -30.01
CA ASP G 128 7.84 -18.75 -30.49
C ASP G 128 6.99 -19.04 -29.24
N GLU G 129 5.75 -18.48 -29.26
CA GLU G 129 4.76 -18.58 -28.19
C GLU G 129 4.54 -20.00 -27.76
N TYR G 130 4.39 -20.93 -28.75
CA TYR G 130 4.10 -22.35 -28.54
C TYR G 130 5.23 -23.09 -27.88
N ARG G 131 6.47 -22.93 -28.42
CA ARG G 131 7.69 -23.52 -27.89
C ARG G 131 7.90 -23.00 -26.45
N TYR G 132 7.79 -21.68 -26.23
CA TYR G 132 7.94 -21.02 -24.93
C TYR G 132 6.95 -21.55 -23.90
N ARG G 133 5.64 -21.59 -24.23
CA ARG G 133 4.60 -22.10 -23.33
C ARG G 133 4.82 -23.57 -22.95
N SER G 134 5.24 -24.45 -23.91
CA SER G 134 5.57 -25.89 -23.76
C SER G 134 6.67 -26.14 -22.76
N VAL G 135 7.74 -25.34 -22.88
CA VAL G 135 8.97 -25.34 -22.08
C VAL G 135 8.64 -24.98 -20.59
N ILE G 136 7.98 -23.85 -20.35
CA ILE G 136 7.55 -23.35 -19.03
C ILE G 136 6.71 -24.41 -18.32
N LYS G 137 5.78 -25.05 -19.09
CA LYS G 137 4.89 -26.11 -18.63
C LYS G 137 5.73 -27.32 -18.19
N ALA G 138 6.60 -27.82 -19.09
CA ALA G 138 7.46 -28.97 -18.87
C ALA G 138 8.52 -28.79 -17.75
N CYS G 139 9.04 -27.54 -17.60
CA CYS G 139 10.03 -27.17 -16.58
C CYS G 139 9.38 -26.72 -15.26
N GLN G 140 8.07 -26.96 -15.07
CA GLN G 140 7.30 -26.60 -13.85
C GLN G 140 7.47 -25.14 -13.44
N LEU G 141 7.34 -24.22 -14.40
CA LEU G 141 7.45 -22.80 -14.16
C LEU G 141 6.13 -22.04 -14.24
N GLU G 142 5.08 -22.67 -14.80
CA GLU G 142 3.75 -22.08 -14.99
C GLU G 142 3.18 -21.43 -13.76
N GLU G 143 3.11 -22.18 -12.63
CA GLU G 143 2.59 -21.71 -11.35
C GLU G 143 3.42 -20.57 -10.77
N ASP G 144 4.75 -20.69 -10.78
CA ASP G 144 5.68 -19.69 -10.28
C ASP G 144 5.51 -18.34 -10.96
N ILE G 145 5.46 -18.32 -12.30
CA ILE G 145 5.40 -17.12 -13.14
C ILE G 145 4.07 -16.40 -12.97
N SER G 146 2.95 -17.15 -12.94
CA SER G 146 1.59 -16.60 -12.76
C SER G 146 1.42 -15.86 -11.42
N LYS G 147 2.12 -16.31 -10.35
CA LYS G 147 2.09 -15.70 -9.03
C LYS G 147 2.85 -14.35 -8.96
N PHE G 148 3.54 -13.95 -10.05
CA PHE G 148 4.22 -12.66 -10.09
C PHE G 148 3.28 -11.66 -10.75
N PRO G 149 3.14 -10.40 -10.22
CA PRO G 149 2.24 -9.42 -10.86
C PRO G 149 2.56 -9.12 -12.32
N GLU G 150 3.82 -9.08 -12.69
CA GLU G 150 4.21 -8.82 -14.06
C GLU G 150 4.53 -10.07 -14.81
N LYS G 151 4.28 -11.20 -14.20
CA LYS G 151 4.51 -12.51 -14.75
C LYS G 151 5.87 -12.74 -15.35
N ASP G 152 5.96 -13.00 -16.64
CA ASP G 152 7.25 -13.21 -17.28
C ASP G 152 8.06 -11.94 -17.53
N ASN G 153 7.49 -10.78 -17.34
CA ASN G 153 8.21 -9.56 -17.51
C ASN G 153 8.77 -9.11 -16.20
N THR G 154 8.79 -10.02 -15.23
CA THR G 154 9.40 -9.73 -13.98
C THR G 154 10.88 -9.68 -14.25
N VAL G 155 11.50 -8.61 -13.82
CA VAL G 155 12.92 -8.33 -13.95
C VAL G 155 13.72 -9.08 -12.87
N LEU G 156 14.86 -9.67 -13.28
CA LEU G 156 15.79 -10.43 -12.42
C LEU G 156 17.18 -9.77 -12.42
N GLY G 157 17.99 -10.09 -11.40
CA GLY G 157 19.38 -9.66 -11.24
C GLY G 157 19.74 -8.18 -11.14
N GLU G 158 18.82 -7.35 -10.65
CA GLU G 158 19.08 -5.91 -10.53
C GLU G 158 18.87 -5.38 -9.08
N GLY G 159 19.00 -6.30 -8.11
CA GLY G 159 18.80 -6.03 -6.68
C GLY G 159 17.34 -6.10 -6.23
N GLY G 160 16.42 -6.25 -7.20
CA GLY G 160 14.98 -6.33 -7.01
C GLY G 160 14.49 -7.69 -6.54
N ILE G 161 13.84 -8.47 -7.47
CA ILE G 161 13.31 -9.78 -7.11
C ILE G 161 14.43 -10.86 -7.08
N THR G 162 14.43 -11.62 -5.97
CA THR G 162 15.37 -12.71 -5.70
C THR G 162 14.58 -14.02 -5.69
N LEU G 163 14.85 -14.87 -6.71
CA LEU G 163 14.21 -16.17 -6.82
C LEU G 163 14.94 -17.17 -5.93
N SER G 164 14.29 -18.32 -5.67
CA SER G 164 14.86 -19.44 -4.92
C SER G 164 15.84 -20.20 -5.84
N GLY G 165 16.67 -21.05 -5.25
CA GLY G 165 17.65 -21.86 -5.98
C GLY G 165 16.98 -22.81 -6.95
N GLY G 166 15.80 -23.28 -6.59
CA GLY G 166 14.95 -24.18 -7.38
C GLY G 166 14.30 -23.49 -8.57
N GLN G 167 13.83 -22.24 -8.37
CA GLN G 167 13.24 -21.41 -9.43
C GLN G 167 14.30 -21.08 -10.48
N ARG G 168 15.49 -20.63 -10.01
CA ARG G 168 16.66 -20.27 -10.81
C ARG G 168 17.14 -21.47 -11.63
N ALA G 169 17.10 -22.67 -11.03
CA ALA G 169 17.45 -23.95 -11.63
C ALA G 169 16.49 -24.32 -12.75
N ARG G 170 15.19 -24.03 -12.55
CA ARG G 170 14.14 -24.31 -13.52
C ARG G 170 14.17 -23.33 -14.69
N ILE G 171 14.65 -22.12 -14.45
CA ILE G 171 14.79 -21.10 -15.44
C ILE G 171 16.00 -21.39 -16.33
N SER G 172 17.03 -21.92 -15.71
CA SER G 172 18.30 -22.32 -16.33
C SER G 172 18.05 -23.48 -17.27
N LEU G 173 17.20 -24.41 -16.86
CA LEU G 173 16.84 -25.58 -17.64
C LEU G 173 15.94 -25.20 -18.79
N ALA G 174 14.99 -24.29 -18.56
CA ALA G 174 14.06 -23.77 -19.54
C ALA G 174 14.82 -23.07 -20.70
N ARG G 175 15.88 -22.31 -20.36
CA ARG G 175 16.74 -21.64 -21.31
C ARG G 175 17.45 -22.68 -22.17
N ALA G 176 17.96 -23.74 -21.53
CA ALA G 176 18.67 -24.80 -22.22
C ALA G 176 17.77 -25.63 -23.15
N VAL G 177 16.50 -25.89 -22.76
CA VAL G 177 15.61 -26.73 -23.58
C VAL G 177 14.92 -25.91 -24.67
N TYR G 178 14.82 -24.59 -24.47
CA TYR G 178 14.20 -23.70 -25.43
C TYR G 178 15.10 -23.53 -26.66
N LYS G 179 16.40 -23.41 -26.43
CA LYS G 179 17.40 -23.27 -27.47
C LYS G 179 17.34 -24.41 -28.48
N ASP G 180 17.42 -24.05 -29.77
CA ASP G 180 17.48 -24.98 -30.88
C ASP G 180 18.97 -25.31 -31.06
N ALA G 181 19.42 -26.43 -30.49
CA ALA G 181 20.82 -26.84 -30.53
C ALA G 181 20.98 -28.27 -31.05
N ASP G 182 22.22 -28.64 -31.42
CA ASP G 182 22.56 -29.98 -31.89
C ASP G 182 22.80 -30.92 -30.70
N LEU G 183 23.33 -30.38 -29.59
CA LEU G 183 23.65 -31.12 -28.40
C LEU G 183 23.23 -30.37 -27.13
N TYR G 184 22.53 -31.08 -26.24
CA TYR G 184 22.04 -30.53 -24.97
C TYR G 184 22.80 -31.16 -23.83
N LEU G 185 23.54 -30.31 -23.08
CA LEU G 185 24.37 -30.72 -21.94
C LEU G 185 23.72 -30.17 -20.68
N LEU G 186 23.15 -31.09 -19.91
CA LEU G 186 22.42 -30.74 -18.68
C LEU G 186 23.18 -31.30 -17.51
N ASP G 187 24.00 -30.42 -16.86
CA ASP G 187 24.84 -30.85 -15.73
C ASP G 187 24.06 -30.78 -14.45
N SER G 188 23.69 -31.95 -13.86
CA SER G 188 22.89 -32.08 -12.63
C SER G 188 21.80 -30.98 -12.52
N PRO G 189 20.78 -30.96 -13.41
CA PRO G 189 19.80 -29.87 -13.38
C PRO G 189 18.80 -29.90 -12.22
N PHE G 190 18.67 -31.06 -11.55
CA PHE G 190 17.72 -31.28 -10.46
C PHE G 190 18.33 -31.30 -9.06
N GLY G 191 19.60 -30.94 -8.95
CA GLY G 191 20.35 -30.91 -7.68
C GLY G 191 19.79 -29.99 -6.62
N TYR G 192 19.07 -28.94 -7.01
CA TYR G 192 18.49 -27.98 -6.06
C TYR G 192 16.95 -28.07 -6.00
N LEU G 193 16.39 -29.13 -6.64
CA LEU G 193 14.97 -29.46 -6.73
C LEU G 193 14.61 -30.67 -5.85
N ASP G 194 13.34 -30.72 -5.34
CA ASP G 194 12.80 -31.84 -4.58
C ASP G 194 12.56 -33.02 -5.57
N VAL G 195 12.38 -34.22 -5.01
CA VAL G 195 12.30 -35.48 -5.75
C VAL G 195 11.03 -35.58 -6.63
N LEU G 196 9.94 -34.90 -6.22
CA LEU G 196 8.65 -34.88 -6.93
C LEU G 196 8.69 -33.96 -8.15
N THR G 197 9.29 -32.77 -8.01
CA THR G 197 9.51 -31.79 -9.06
C THR G 197 10.48 -32.36 -10.09
N GLU G 198 11.54 -33.03 -9.62
CA GLU G 198 12.54 -33.65 -10.48
C GLU G 198 11.90 -34.70 -11.37
N LYS G 199 10.98 -35.54 -10.82
CA LYS G 199 10.30 -36.61 -11.55
C LYS G 199 9.43 -36.03 -12.66
N GLU G 200 8.67 -34.96 -12.34
CA GLU G 200 7.79 -34.25 -13.28
C GLU G 200 8.59 -33.68 -14.41
N ILE G 201 9.69 -32.95 -14.12
CA ILE G 201 10.58 -32.34 -15.14
C ILE G 201 11.30 -33.42 -15.95
N PHE G 202 11.88 -34.44 -15.29
CA PHE G 202 12.58 -35.52 -15.99
C PHE G 202 11.65 -36.14 -17.08
N GLU G 203 10.44 -36.56 -16.69
CA GLU G 203 9.46 -37.19 -17.56
C GLU G 203 8.89 -36.30 -18.63
N SER G 204 8.43 -35.09 -18.29
CA SER G 204 7.77 -34.22 -19.27
C SER G 204 8.72 -33.43 -20.19
N CYS G 205 9.93 -33.14 -19.71
CA CYS G 205 10.93 -32.37 -20.41
C CYS G 205 12.04 -33.23 -21.06
N VAL G 206 12.88 -33.87 -20.26
CA VAL G 206 14.04 -34.67 -20.69
C VAL G 206 13.63 -35.88 -21.55
N CYS G 207 12.48 -36.49 -21.23
CA CYS G 207 11.97 -37.68 -21.89
C CYS G 207 10.97 -37.39 -23.00
N LYS G 208 9.95 -36.53 -22.74
CA LYS G 208 8.88 -36.23 -23.69
C LYS G 208 9.22 -35.06 -24.61
N LEU G 209 9.34 -33.83 -24.06
CA LEU G 209 9.61 -32.60 -24.82
C LEU G 209 10.90 -32.66 -25.66
N MET G 210 11.94 -33.36 -25.15
CA MET G 210 13.26 -33.53 -25.78
C MET G 210 13.50 -34.94 -26.34
N ALA G 211 12.43 -35.72 -26.58
CA ALA G 211 12.43 -37.11 -27.06
C ALA G 211 13.41 -37.44 -28.21
N ASN G 212 13.59 -36.55 -29.21
CA ASN G 212 14.50 -36.92 -30.31
C ASN G 212 15.69 -35.95 -30.47
N LYS G 213 16.04 -35.27 -29.37
CA LYS G 213 17.17 -34.35 -29.29
C LYS G 213 18.37 -35.15 -28.75
N THR G 214 19.58 -34.71 -29.07
CA THR G 214 20.81 -35.34 -28.56
C THR G 214 21.07 -34.74 -27.17
N ARG G 215 20.83 -35.51 -26.11
CA ARG G 215 20.96 -35.09 -24.71
C ARG G 215 22.02 -35.86 -23.96
N ILE G 216 22.77 -35.13 -23.15
CA ILE G 216 23.72 -35.69 -22.19
C ILE G 216 23.24 -35.13 -20.87
N LEU G 217 22.68 -36.02 -20.03
CA LEU G 217 22.18 -35.68 -18.70
C LEU G 217 23.12 -36.25 -17.65
N VAL G 218 23.68 -35.39 -16.77
CA VAL G 218 24.54 -35.80 -15.66
C VAL G 218 23.59 -36.17 -14.52
N THR G 219 23.46 -37.49 -14.25
CA THR G 219 22.57 -38.08 -13.25
C THR G 219 23.08 -39.45 -12.81
N SER G 220 22.90 -39.79 -11.54
CA SER G 220 23.33 -41.07 -10.98
C SER G 220 22.13 -41.89 -10.46
N LYS G 221 20.91 -41.36 -10.71
CA LYS G 221 19.64 -41.95 -10.34
C LYS G 221 19.37 -43.14 -11.22
N MET G 222 19.20 -44.32 -10.63
CA MET G 222 18.88 -45.56 -11.33
C MET G 222 17.57 -45.49 -12.14
N GLU G 223 16.64 -44.67 -11.65
CA GLU G 223 15.32 -44.36 -12.19
C GLU G 223 15.45 -43.70 -13.56
N HIS G 224 16.50 -42.88 -13.74
CA HIS G 224 16.84 -42.11 -14.95
C HIS G 224 17.63 -42.92 -15.90
N LEU G 225 18.59 -43.68 -15.35
CA LEU G 225 19.48 -44.59 -16.09
C LEU G 225 18.70 -45.64 -16.87
N LYS G 226 17.55 -46.06 -16.33
CA LYS G 226 16.59 -47.00 -16.85
C LYS G 226 15.95 -46.48 -18.13
N LYS G 227 15.86 -45.13 -18.25
CA LYS G 227 15.24 -44.39 -19.34
C LYS G 227 16.23 -43.87 -20.37
N ALA G 228 17.53 -44.01 -20.08
CA ALA G 228 18.61 -43.58 -20.95
C ALA G 228 18.86 -44.63 -22.02
N ASP G 229 19.32 -44.18 -23.20
CA ASP G 229 19.66 -45.02 -24.34
C ASP G 229 21.04 -45.67 -24.13
N LYS G 230 21.96 -44.90 -23.51
CA LYS G 230 23.31 -45.27 -23.12
C LYS G 230 23.65 -44.61 -21.77
N ILE G 231 24.53 -45.26 -21.01
CA ILE G 231 24.98 -44.81 -19.70
C ILE G 231 26.49 -44.82 -19.69
N LEU G 232 27.08 -43.78 -19.09
CA LEU G 232 28.51 -43.72 -18.88
C LEU G 232 28.74 -43.52 -17.39
N ILE G 233 29.32 -44.51 -16.73
CA ILE G 233 29.63 -44.37 -15.29
C ILE G 233 31.11 -44.01 -15.17
N LEU G 234 31.41 -42.90 -14.49
CA LEU G 234 32.81 -42.49 -14.26
C LEU G 234 33.21 -42.77 -12.82
N HIS G 235 34.49 -42.97 -12.64
CA HIS G 235 35.13 -43.17 -11.35
C HIS G 235 36.50 -42.52 -11.38
N GLU G 236 36.69 -41.51 -10.54
CA GLU G 236 37.94 -40.76 -10.37
C GLU G 236 38.62 -40.37 -11.69
N GLY G 237 37.85 -39.73 -12.56
CA GLY G 237 38.30 -39.25 -13.87
C GLY G 237 38.36 -40.29 -14.98
N SER G 238 38.02 -41.55 -14.68
CA SER G 238 38.05 -42.62 -15.66
C SER G 238 36.68 -43.26 -15.81
N SER G 239 36.41 -43.84 -16.99
CA SER G 239 35.20 -44.61 -17.28
C SER G 239 35.25 -45.97 -16.54
N TYR G 240 34.12 -46.37 -15.94
CA TYR G 240 33.99 -47.68 -15.33
C TYR G 240 33.14 -48.54 -16.28
N PHE G 241 32.04 -47.95 -16.76
CA PHE G 241 31.07 -48.60 -17.62
C PHE G 241 30.59 -47.65 -18.68
N TYR G 242 30.34 -48.19 -19.88
CA TYR G 242 29.70 -47.57 -21.01
C TYR G 242 28.85 -48.62 -21.73
N GLY G 243 27.56 -48.37 -21.79
CA GLY G 243 26.59 -49.26 -22.42
C GLY G 243 25.16 -49.00 -21.99
N THR G 244 24.29 -49.98 -22.25
CA THR G 244 22.86 -49.92 -21.96
C THR G 244 22.54 -50.26 -20.52
N PHE G 245 21.28 -49.98 -20.09
CA PHE G 245 20.79 -50.34 -18.75
C PHE G 245 20.77 -51.86 -18.53
N SER G 246 20.46 -52.63 -19.60
CA SER G 246 20.47 -54.10 -19.64
C SER G 246 21.87 -54.66 -19.34
N GLU G 247 22.92 -54.09 -19.99
CA GLU G 247 24.31 -54.48 -19.77
C GLU G 247 24.73 -54.13 -18.34
N LEU G 248 24.32 -52.94 -17.86
CA LEU G 248 24.60 -52.48 -16.50
C LEU G 248 24.01 -53.44 -15.48
N GLN G 249 22.77 -53.91 -15.73
CA GLN G 249 22.06 -54.87 -14.87
C GLN G 249 22.80 -56.21 -14.74
N ASN G 250 23.45 -56.65 -15.81
CA ASN G 250 24.26 -57.87 -15.78
C ASN G 250 25.55 -57.62 -15.05
N LEU G 251 25.48 -56.63 -14.18
CA LEU G 251 26.55 -56.16 -13.33
C LEU G 251 25.89 -55.61 -12.06
N GLN G 252 26.69 -55.04 -11.18
CA GLN G 252 26.21 -54.47 -9.91
C GLN G 252 25.27 -55.30 -9.05
N GLN H 1 18.46 -55.20 2.08
CA GLN H 1 17.10 -54.67 1.98
C GLN H 1 17.04 -53.30 2.64
N VAL H 2 16.94 -52.19 1.85
CA VAL H 2 16.85 -50.84 2.42
C VAL H 2 15.43 -50.62 2.93
N GLN H 3 15.29 -50.11 4.17
CA GLN H 3 13.99 -49.83 4.79
C GLN H 3 13.99 -48.50 5.54
N LEU H 4 12.93 -47.67 5.32
CA LEU H 4 12.68 -46.38 6.00
C LEU H 4 11.46 -46.54 6.89
N GLN H 5 11.58 -46.06 8.13
CA GLN H 5 10.51 -46.14 9.12
C GLN H 5 10.28 -44.83 9.85
N GLU H 6 9.14 -44.17 9.57
CA GLU H 6 8.74 -42.93 10.23
C GLU H 6 8.13 -43.24 11.61
N SER H 7 8.33 -42.32 12.53
CA SER H 7 7.74 -42.30 13.85
C SER H 7 7.52 -40.83 14.26
N GLY H 8 6.75 -40.62 15.32
CA GLY H 8 6.52 -39.31 15.88
C GLY H 8 5.20 -38.65 15.53
N GLY H 9 4.46 -39.24 14.61
CA GLY H 9 3.16 -38.70 14.18
C GLY H 9 2.09 -38.91 15.23
N GLY H 10 1.04 -38.11 15.16
CA GLY H 10 -0.06 -38.23 16.09
C GLY H 10 -1.04 -37.08 16.06
N LEU H 11 -1.94 -37.07 17.04
CA LEU H 11 -2.93 -36.03 17.18
C LEU H 11 -2.34 -34.88 18.02
N GLU H 12 -2.51 -33.67 17.49
CA GLU H 12 -2.05 -32.45 18.13
C GLU H 12 -3.13 -31.36 18.00
N GLN H 13 -3.10 -30.38 18.90
CA GLN H 13 -4.05 -29.27 18.90
C GLN H 13 -3.41 -28.10 18.17
N PRO H 14 -4.19 -27.18 17.55
CA PRO H 14 -3.58 -26.00 16.90
C PRO H 14 -2.62 -25.26 17.83
N GLY H 15 -1.44 -24.93 17.30
CA GLY H 15 -0.35 -24.29 18.04
C GLY H 15 0.61 -25.27 18.69
N GLY H 16 0.29 -26.56 18.58
CA GLY H 16 1.10 -27.65 19.12
C GLY H 16 2.39 -27.91 18.37
N SER H 17 3.23 -28.77 18.97
CA SER H 17 4.55 -29.15 18.45
C SER H 17 4.62 -30.69 18.31
N LEU H 18 5.37 -31.11 17.30
CA LEU H 18 5.57 -32.50 16.95
C LEU H 18 6.95 -32.74 16.39
N ARG H 19 7.54 -33.89 16.66
CA ARG H 19 8.82 -34.20 16.06
C ARG H 19 8.75 -35.52 15.33
N LEU H 20 8.86 -35.47 14.01
CA LEU H 20 8.88 -36.66 13.16
C LEU H 20 10.31 -37.13 12.95
N SER H 21 10.53 -38.43 13.10
CA SER H 21 11.81 -39.10 12.97
C SER H 21 11.69 -40.13 11.88
N CYS H 22 12.79 -40.40 11.20
CA CYS H 22 12.79 -41.42 10.18
C CYS H 22 14.07 -42.20 10.27
N ALA H 23 13.97 -43.46 10.69
CA ALA H 23 15.11 -44.35 10.80
C ALA H 23 15.30 -45.15 9.53
N THR H 24 16.54 -45.48 9.23
CA THR H 24 16.87 -46.30 8.06
C THR H 24 17.64 -47.54 8.50
N SER H 25 17.53 -48.61 7.73
CA SER H 25 18.23 -49.87 7.94
C SER H 25 18.58 -50.48 6.58
N GLY H 26 19.67 -51.23 6.55
CA GLY H 26 20.17 -51.87 5.34
C GLY H 26 20.92 -50.95 4.39
N VAL H 27 21.48 -49.85 4.92
CA VAL H 27 22.26 -48.88 4.12
C VAL H 27 23.75 -49.29 4.11
N ILE H 28 24.20 -49.82 2.96
CA ILE H 28 25.56 -50.29 2.73
C ILE H 28 26.54 -49.13 2.38
N PHE H 29 26.10 -48.18 1.54
CA PHE H 29 26.99 -47.13 1.04
C PHE H 29 26.74 -45.74 1.60
N GLY H 30 25.50 -45.43 1.95
CA GLY H 30 25.14 -44.12 2.46
C GLY H 30 23.93 -43.53 1.79
N ILE H 31 23.54 -42.33 2.26
CA ILE H 31 22.37 -41.56 1.80
C ILE H 31 22.80 -40.17 1.38
N ASN H 32 22.22 -39.67 0.29
CA ASN H 32 22.48 -38.35 -0.27
C ASN H 32 21.44 -37.32 0.10
N ALA H 33 20.30 -37.30 -0.55
CA ALA H 33 19.25 -36.36 -0.19
C ALA H 33 18.20 -37.08 0.68
N MET H 34 17.79 -36.44 1.76
CA MET H 34 16.79 -36.94 2.68
C MET H 34 15.75 -35.85 2.93
N GLY H 35 14.50 -36.21 2.97
CA GLY H 35 13.46 -35.22 3.14
C GLY H 35 12.14 -35.74 3.62
N TRP H 36 11.21 -34.80 3.73
CA TRP H 36 9.83 -34.90 4.22
C TRP H 36 8.85 -34.37 3.23
N TYR H 37 7.86 -35.20 2.91
CA TYR H 37 6.78 -34.94 1.97
C TYR H 37 5.47 -35.26 2.70
N ARG H 38 4.36 -34.77 2.17
CA ARG H 38 3.06 -35.03 2.77
C ARG H 38 1.95 -35.09 1.75
N GLN H 39 0.87 -35.78 2.08
CA GLN H 39 -0.34 -35.72 1.28
C GLN H 39 -1.57 -35.70 2.19
N ALA H 40 -2.29 -34.55 2.07
CA ALA H 40 -3.52 -34.17 2.76
C ALA H 40 -4.65 -34.94 2.08
N PRO H 41 -5.82 -35.14 2.74
CA PRO H 41 -6.89 -35.92 2.07
C PRO H 41 -7.36 -35.30 0.75
N GLY H 42 -7.44 -36.15 -0.28
CA GLY H 42 -7.85 -35.76 -1.62
C GLY H 42 -6.91 -34.79 -2.31
N LYS H 43 -5.65 -34.74 -1.85
CA LYS H 43 -4.62 -33.86 -2.40
C LYS H 43 -3.41 -34.69 -2.88
N GLN H 44 -2.66 -34.10 -3.81
CA GLN H 44 -1.46 -34.68 -4.41
C GLN H 44 -0.29 -34.47 -3.45
N ARG H 45 0.61 -35.48 -3.31
CA ARG H 45 1.82 -35.43 -2.48
C ARG H 45 2.66 -34.20 -2.81
N GLU H 46 3.13 -33.51 -1.77
CA GLU H 46 3.89 -32.28 -1.87
C GLU H 46 5.08 -32.27 -0.90
N LEU H 47 6.08 -31.47 -1.23
CA LEU H 47 7.26 -31.28 -0.40
C LEU H 47 6.87 -30.53 0.88
N VAL H 48 7.56 -30.83 1.97
CA VAL H 48 7.43 -30.13 3.24
C VAL H 48 8.80 -29.44 3.45
N ALA H 49 9.86 -30.26 3.55
CA ALA H 49 11.25 -29.85 3.76
C ALA H 49 12.13 -30.96 3.28
N THR H 50 13.23 -30.61 2.59
CA THR H 50 14.20 -31.57 2.13
C THR H 50 15.61 -31.02 2.10
N PHE H 51 16.58 -31.91 2.22
CA PHE H 51 17.98 -31.65 1.96
C PHE H 51 18.11 -31.97 0.48
N THR H 52 18.71 -31.07 -0.29
CA THR H 52 18.84 -31.28 -1.72
C THR H 52 20.12 -32.06 -2.00
N SER H 53 20.25 -32.56 -3.24
CA SER H 53 21.46 -33.26 -3.72
C SER H 53 22.70 -32.33 -3.56
N GLY H 54 22.48 -31.01 -3.67
CA GLY H 54 23.48 -29.97 -3.51
C GLY H 54 23.82 -29.60 -2.07
N GLY H 55 23.35 -30.41 -1.11
CA GLY H 55 23.62 -30.25 0.33
C GLY H 55 22.85 -29.18 1.08
N SER H 56 22.18 -28.29 0.32
CA SER H 56 21.35 -27.21 0.83
C SER H 56 19.98 -27.74 1.31
N THR H 57 19.20 -26.88 1.93
CA THR H 57 17.88 -27.17 2.46
C THR H 57 16.82 -26.37 1.70
N ASN H 58 15.73 -27.05 1.34
CA ASN H 58 14.61 -26.46 0.62
C ASN H 58 13.30 -26.74 1.37
N TYR H 59 12.64 -25.66 1.86
CA TYR H 59 11.34 -25.74 2.53
C TYR H 59 10.19 -25.28 1.59
N ALA H 60 9.00 -25.89 1.76
CA ALA H 60 7.81 -25.51 1.04
C ALA H 60 7.32 -24.14 1.53
N ASP H 61 6.60 -23.41 0.68
CA ASP H 61 6.07 -22.05 0.91
C ASP H 61 5.22 -21.90 2.19
N PHE H 62 4.47 -22.96 2.52
CA PHE H 62 3.56 -23.04 3.65
C PHE H 62 4.21 -23.24 5.03
N VAL H 63 5.48 -23.56 5.08
CA VAL H 63 6.17 -23.83 6.33
C VAL H 63 6.33 -22.58 7.16
N GLU H 64 6.64 -21.52 6.47
CA GLU H 64 6.84 -20.17 7.00
C GLU H 64 7.66 -20.12 8.31
N GLY H 65 8.82 -20.78 8.31
CA GLY H 65 9.73 -20.85 9.44
C GLY H 65 9.34 -21.75 10.61
N ARG H 66 8.13 -22.35 10.57
CA ARG H 66 7.61 -23.19 11.66
C ARG H 66 8.30 -24.54 11.83
N PHE H 67 8.71 -25.14 10.72
CA PHE H 67 9.33 -26.47 10.71
C PHE H 67 10.82 -26.43 10.43
N THR H 68 11.56 -27.42 10.97
CA THR H 68 13.02 -27.57 10.77
C THR H 68 13.36 -28.98 10.40
N ILE H 69 14.15 -29.16 9.33
CA ILE H 69 14.68 -30.44 8.91
C ILE H 69 16.14 -30.59 9.41
N SER H 70 16.40 -31.68 10.15
CA SER H 70 17.70 -32.03 10.73
C SER H 70 18.07 -33.40 10.19
N ARG H 71 19.34 -33.78 10.31
CA ARG H 71 19.84 -35.02 9.77
C ARG H 71 20.96 -35.52 10.66
N ASP H 72 21.04 -36.85 10.87
CA ASP H 72 22.15 -37.45 11.61
C ASP H 72 22.84 -38.37 10.63
N ASN H 73 23.96 -37.92 10.06
CA ASN H 73 24.75 -38.65 9.05
C ASN H 73 25.32 -39.96 9.54
N ALA H 74 25.71 -40.04 10.82
CA ALA H 74 26.25 -41.23 11.46
C ALA H 74 25.19 -42.34 11.64
N LYS H 75 23.94 -41.98 11.90
CA LYS H 75 22.86 -42.92 12.09
C LYS H 75 21.97 -43.09 10.88
N ASN H 76 22.14 -42.22 9.90
CA ASN H 76 21.37 -42.18 8.64
C ASN H 76 19.89 -41.94 8.90
N THR H 77 19.59 -40.92 9.71
CA THR H 77 18.25 -40.52 10.14
C THR H 77 17.93 -39.10 9.65
N VAL H 78 16.64 -38.82 9.47
CA VAL H 78 16.14 -37.51 9.10
C VAL H 78 15.01 -37.15 10.08
N TYR H 79 14.92 -35.86 10.44
CA TYR H 79 13.96 -35.35 11.40
C TYR H 79 13.24 -34.15 10.88
N LEU H 80 12.04 -33.93 11.44
CA LEU H 80 11.20 -32.79 11.18
C LEU H 80 10.65 -32.33 12.48
N GLN H 81 11.15 -31.19 12.94
CA GLN H 81 10.66 -30.52 14.12
C GLN H 81 9.57 -29.60 13.61
N MET H 82 8.35 -29.79 14.12
CA MET H 82 7.17 -29.02 13.74
C MET H 82 6.71 -28.19 14.93
N ASN H 83 6.37 -26.93 14.69
CA ASN H 83 5.85 -26.00 15.69
C ASN H 83 4.74 -25.23 15.03
N GLY H 84 3.91 -24.55 15.84
CA GLY H 84 2.79 -23.74 15.38
C GLY H 84 1.90 -24.50 14.42
N LEU H 85 1.54 -25.73 14.79
CA LEU H 85 0.73 -26.62 13.98
C LEU H 85 -0.67 -26.07 13.71
N ARG H 86 -1.06 -26.07 12.42
CA ARG H 86 -2.34 -25.53 11.95
C ARG H 86 -3.23 -26.69 11.48
N PRO H 87 -4.59 -26.55 11.48
CA PRO H 87 -5.44 -27.65 10.96
C PRO H 87 -5.09 -28.09 9.55
N GLU H 88 -4.53 -27.20 8.74
CA GLU H 88 -4.11 -27.47 7.37
C GLU H 88 -2.90 -28.35 7.25
N ASP H 89 -2.17 -28.50 8.32
CA ASP H 89 -1.00 -29.37 8.38
C ASP H 89 -1.37 -30.86 8.51
N THR H 90 -2.66 -31.17 8.66
CA THR H 90 -3.17 -32.54 8.74
C THR H 90 -2.89 -33.21 7.41
N ALA H 91 -2.17 -34.33 7.46
CA ALA H 91 -1.72 -35.10 6.28
C ALA H 91 -1.00 -36.35 6.73
N VAL H 92 -0.71 -37.23 5.77
CA VAL H 92 0.15 -38.40 5.97
C VAL H 92 1.52 -37.87 5.52
N TYR H 93 2.47 -37.87 6.45
CA TYR H 93 3.83 -37.39 6.28
C TYR H 93 4.75 -38.53 5.92
N TYR H 94 5.38 -38.41 4.77
CA TYR H 94 6.28 -39.44 4.24
C TYR H 94 7.70 -39.00 4.27
N CYS H 95 8.52 -39.95 4.59
CA CYS H 95 9.97 -39.86 4.64
C CYS H 95 10.53 -40.32 3.29
N HIS H 96 11.56 -39.62 2.82
CA HIS H 96 12.22 -39.96 1.57
C HIS H 96 13.74 -39.97 1.75
N ALA H 97 14.42 -40.89 1.06
CA ALA H 97 15.86 -40.98 1.02
C ALA H 97 16.38 -41.41 -0.36
N THR H 98 17.40 -40.71 -0.88
CA THR H 98 18.10 -41.06 -2.12
C THR H 98 19.29 -41.85 -1.59
N VAL H 99 19.18 -43.18 -1.66
CA VAL H 99 20.20 -44.07 -1.13
C VAL H 99 21.24 -44.46 -2.18
N VAL H 100 22.56 -44.36 -1.83
CA VAL H 100 23.68 -44.81 -2.69
C VAL H 100 23.64 -46.34 -2.58
N VAL H 101 23.41 -46.99 -3.71
CA VAL H 101 23.27 -48.41 -3.81
C VAL H 101 24.41 -49.10 -4.55
N SER H 102 25.38 -48.31 -4.94
CA SER H 102 26.56 -48.79 -5.68
C SER H 102 27.82 -48.18 -5.15
N ARG H 103 28.99 -48.87 -5.34
CA ARG H 103 30.28 -48.27 -4.95
C ARG H 103 30.71 -47.16 -5.95
N TYR H 104 29.97 -47.01 -7.05
CA TYR H 104 30.18 -46.01 -8.10
C TYR H 104 29.22 -44.81 -8.01
N GLY H 105 28.47 -44.73 -6.92
CA GLY H 105 27.58 -43.62 -6.62
C GLY H 105 26.19 -43.64 -7.21
N LEU H 106 25.73 -44.80 -7.67
CA LEU H 106 24.40 -44.94 -8.25
C LEU H 106 23.39 -44.95 -7.15
N THR H 107 22.24 -44.33 -7.38
CA THR H 107 21.22 -44.21 -6.30
C THR H 107 19.86 -44.76 -6.67
N TYR H 108 19.04 -45.05 -5.64
CA TYR H 108 17.63 -45.45 -5.69
C TYR H 108 16.90 -44.63 -4.63
N ASP H 109 15.70 -44.11 -4.96
CA ASP H 109 14.85 -43.33 -4.07
C ASP H 109 13.92 -44.25 -3.29
N TYR H 110 13.93 -44.13 -1.98
CA TYR H 110 13.12 -44.96 -1.08
C TYR H 110 12.20 -44.06 -0.29
N TRP H 111 11.02 -44.59 -0.02
CA TRP H 111 9.96 -43.94 0.73
C TRP H 111 9.56 -44.78 1.92
N GLY H 112 9.10 -44.12 2.97
CA GLY H 112 8.58 -44.79 4.16
C GLY H 112 7.10 -45.06 3.92
N GLN H 113 6.43 -45.73 4.89
CA GLN H 113 5.00 -46.03 4.81
C GLN H 113 4.13 -44.80 5.00
N GLY H 114 4.63 -43.85 5.79
CA GLY H 114 3.94 -42.62 6.14
C GLY H 114 3.48 -42.65 7.59
N THR H 115 3.35 -41.46 8.17
CA THR H 115 2.91 -41.28 9.54
C THR H 115 1.75 -40.28 9.48
N GLN H 116 0.66 -40.58 10.19
CA GLN H 116 -0.45 -39.65 10.21
C GLN H 116 -0.20 -38.55 11.25
N VAL H 117 -0.37 -37.29 10.79
CA VAL H 117 -0.31 -36.08 11.61
C VAL H 117 -1.68 -35.46 11.53
N THR H 118 -2.39 -35.39 12.68
CA THR H 118 -3.72 -34.80 12.74
C THR H 118 -3.70 -33.57 13.64
N VAL H 119 -4.02 -32.39 13.09
CA VAL H 119 -4.08 -31.14 13.87
C VAL H 119 -5.55 -30.75 13.97
N SER H 120 -6.14 -30.89 15.18
CA SER H 120 -7.56 -30.56 15.35
C SER H 120 -7.91 -29.94 16.70
N SER H 121 -8.80 -28.93 16.68
CA SER H 121 -9.31 -28.20 17.84
C SER H 121 -10.52 -28.93 18.45
#